data_7KTQ
#
_entry.id   7KTQ
#
_cell.length_a   1.00
_cell.length_b   1.00
_cell.length_c   1.00
_cell.angle_alpha   90.00
_cell.angle_beta   90.00
_cell.angle_gamma   90.00
#
_symmetry.space_group_name_H-M   'P 1'
#
loop_
_entity.id
_entity.type
_entity.pdbx_description
1 polymer 'Histone H3'
2 polymer 'Histone H4'
3 polymer 'Histone H2A'
4 polymer 'Histone H2B'
5 polymer '601 DNA (167-MER)'
6 polymer '601 DNA (167-MER)'
#
loop_
_entity_poly.entity_id
_entity_poly.type
_entity_poly.pdbx_seq_one_letter_code
_entity_poly.pdbx_strand_id
1 'polypeptide(L)'
;KPHRYRPGTVALREIRRYQKSTELLIRKLPFQRLVREIAQDFKTDLRFQSSAVMALQEASEAYLVALFEDTNLCAIHAKR
VTIMPKDIQLARRIRGERA
;
A,E
2 'polypeptide(L)' DNIQGITKPAIRRLARRGGVKRISGLIYEETRGVLKVFLENVIRDAVTYTEHAKRKTVTAMDVVYALKRQGRTLYGFGG B,F
3 'polypeptide(L)'
;KAKTRSSRAGLQFPVGRVHRLLRKGNYAERVGAGAPVYLAAVLEYLTAEILELAGNAARDNKKTRIIPRHLQLAVRNDEE
LNKLLGRVTIAQGGVLPNIQSVLLP
;
C,G
4 'polypeptide(L)'
;KTRKESYAIYVYKVLKQVHPDTGISSKAMSIMNSFVNDVFERIAGEASRLAHYNKRSTITSREIQTAVRLLLPGELAKHA
VSEGTKAVTKYTSAK
;
D,H
5 'polydeoxyribonucleotide'
;(DT)(DA)(DC)(DC)(DC)(DG)(DG)(DG)(DA)(DT)(DA)(DT)(DC)(DG)(DA)(DG)(DA)(DA)(DT)(DC)
(DC)(DC)(DG)(DG)(DT)(DG)(DC)(DC)(DG)(DA)(DG)(DG)(DC)(DC)(DG)(DC)(DT)(DC)(DA)(DA)
(DT)(DT)(DG)(DG)(DT)(DC)(DG)(DT)(DA)(DG)(DA)(DC)(DA)(DG)(DC)(DT)(DC)(DT)(DA)(DG)
(DC)(DA)(DC)(DC)(DG)(DC)(DT)(DT)(DA)(DA)(DA)(DC)(DG)(DC)(DA)(DC)(DG)(DT)(DA)(DC)
(DG)(DC)(DG)(DC)(DT)(DG)(DT)(DC)(DC)(DC)(DC)(DC)(DG)(DC)(DG)(DT)(DT)(DT)(DT)(DA)
(DA)(DC)(DC)(DG)(DC)(DC)(DA)(DA)(DG)(DG)(DG)(DG)(DA)(DT)(DT)(DA)(DC)(DT)(DC)(DC)
(DC)(DT)(DA)(DG)(DT)(DC)(DT)(DC)(DC)(DA)(DG)(DG)(DC)(DA)(DC)(DG)(DT)(DG)(DT)(DC)
(DA)(DG)(DA)(DT)(DA)(DT)(DA)(DT)(DA)(DC)(DA)(DT)(DC)(DC)(DG)(DA)(DT)(DA)(DT)(DC)
(DC)(DC)(DG)(DG)(DG)(DT)(DA)
;
I
6 'polydeoxyribonucleotide'
;(DT)(DA)(DC)(DC)(DC)(DG)(DG)(DG)(DA)(DT)(DA)(DT)(DC)(DG)(DG)(DA)(DT)(DG)(DT)(DA)
(DT)(DA)(DT)(DA)(DT)(DC)(DT)(DG)(DA)(DC)(DA)(DC)(DG)(DT)(DG)(DC)(DC)(DT)(DG)(DG)
(DA)(DG)(DA)(DC)(DT)(DA)(DG)(DG)(DG)(DA)(DG)(DT)(DA)(DA)(DT)(DC)(DC)(DC)(DC)(DT)
(DT)(DG)(DG)(DC)(DG)(DG)(DT)(DT)(DA)(DA)(DA)(DA)(DC)(DG)(DC)(DG)(DG)(DG)(DG)(DG)
(DA)(DC)(DA)(DG)(DC)(DG)(DC)(DG)(DT)(DA)(DC)(DG)(DT)(DG)(DC)(DG)(DT)(DT)(DT)(DA)
(DA)(DG)(DC)(DG)(DG)(DT)(DG)(DC)(DT)(DA)(DG)(DA)(DG)(DC)(DT)(DG)(DT)(DC)(DT)(DA)
(DC)(DG)(DA)(DC)(DC)(DA)(DA)(DT)(DT)(DG)(DA)(DG)(DC)(DG)(DG)(DC)(DC)(DT)(DC)(DG)
(DG)(DC)(DA)(DC)(DC)(DG)(DG)(DG)(DA)(DT)(DT)(DC)(DT)(DC)(DG)(DA)(DT)(DA)(DT)(DC)
(DC)(DC)(DG)(DG)(DG)(DT)(DA)
;
J
#
# COMPACT_ATOMS: atom_id res chain seq x y z
N LYS A 1 -30.92 -44.32 -23.21
CA LYS A 1 -30.51 -43.96 -21.86
C LYS A 1 -30.50 -42.46 -21.67
N PRO A 2 -30.81 -42.01 -20.45
CA PRO A 2 -30.60 -40.60 -20.10
C PRO A 2 -29.14 -40.20 -20.33
N HIS A 3 -28.95 -39.05 -20.98
CA HIS A 3 -27.60 -38.60 -21.27
C HIS A 3 -27.08 -37.84 -20.05
N ARG A 4 -25.79 -38.06 -19.76
CA ARG A 4 -25.08 -37.44 -18.66
C ARG A 4 -23.64 -37.17 -19.05
N TYR A 5 -23.11 -36.02 -18.69
CA TYR A 5 -21.72 -35.77 -19.03
C TYR A 5 -20.84 -36.34 -17.94
N ARG A 6 -19.56 -36.44 -18.21
CA ARG A 6 -18.61 -36.76 -17.16
C ARG A 6 -18.34 -35.58 -16.23
N PRO A 7 -17.89 -35.84 -15.02
CA PRO A 7 -17.57 -34.75 -14.09
C PRO A 7 -16.44 -33.92 -14.65
N GLY A 8 -16.61 -32.60 -14.66
CA GLY A 8 -15.60 -31.74 -15.21
C GLY A 8 -16.03 -30.98 -16.44
N THR A 9 -16.92 -31.51 -17.25
CA THR A 9 -17.25 -30.88 -18.52
C THR A 9 -18.17 -29.70 -18.32
N VAL A 10 -19.16 -29.83 -17.44
CA VAL A 10 -20.03 -28.71 -17.14
C VAL A 10 -19.31 -27.68 -16.30
N ALA A 11 -18.39 -28.10 -15.44
CA ALA A 11 -17.58 -27.15 -14.69
C ALA A 11 -16.77 -26.25 -15.60
N LEU A 12 -16.02 -26.83 -16.54
CA LEU A 12 -15.29 -26.02 -17.51
C LEU A 12 -16.21 -25.20 -18.40
N ARG A 13 -17.39 -25.72 -18.72
CA ARG A 13 -18.34 -24.97 -19.52
C ARG A 13 -18.79 -23.71 -18.78
N GLU A 14 -19.00 -23.84 -17.48
CA GLU A 14 -19.39 -22.73 -16.63
C GLU A 14 -18.24 -21.75 -16.41
N ILE A 15 -17.02 -22.27 -16.25
CA ILE A 15 -15.84 -21.41 -16.18
C ILE A 15 -15.78 -20.49 -17.39
N ARG A 16 -16.01 -21.04 -18.58
CA ARG A 16 -16.00 -20.19 -19.77
C ARG A 16 -17.15 -19.20 -19.74
N ARG A 17 -18.34 -19.67 -19.38
CA ARG A 17 -19.52 -18.81 -19.39
C ARG A 17 -19.39 -17.63 -18.43
N TYR A 18 -18.83 -17.85 -17.26
CA TYR A 18 -18.69 -16.77 -16.30
C TYR A 18 -17.44 -15.94 -16.48
N GLN A 19 -16.41 -16.46 -17.13
CA GLN A 19 -15.33 -15.57 -17.49
C GLN A 19 -15.67 -14.68 -18.68
N LYS A 20 -16.73 -14.99 -19.43
CA LYS A 20 -17.15 -14.02 -20.44
C LYS A 20 -18.06 -12.93 -19.89
N SER A 21 -18.91 -13.23 -18.91
CA SER A 21 -19.85 -12.25 -18.41
C SER A 21 -19.21 -11.28 -17.44
N THR A 22 -19.90 -10.17 -17.21
CA THR A 22 -19.46 -9.11 -16.31
C THR A 22 -20.45 -8.83 -15.20
N GLU A 23 -21.61 -9.48 -15.21
CA GLU A 23 -22.70 -9.20 -14.29
C GLU A 23 -22.40 -9.69 -12.88
N LEU A 24 -23.14 -9.14 -11.92
CA LEU A 24 -22.96 -9.48 -10.51
C LEU A 24 -23.54 -10.85 -10.20
N LEU A 25 -22.74 -11.70 -9.56
CA LEU A 25 -23.06 -13.10 -9.34
C LEU A 25 -23.84 -13.36 -8.05
N ILE A 26 -23.51 -12.65 -6.97
CA ILE A 26 -24.31 -12.63 -5.75
C ILE A 26 -25.64 -11.91 -5.99
N ARG A 27 -26.73 -12.47 -5.47
CA ARG A 27 -28.01 -11.81 -5.60
C ARG A 27 -28.01 -10.52 -4.80
N LYS A 28 -28.82 -9.56 -5.25
CA LYS A 28 -28.77 -8.20 -4.72
C LYS A 28 -29.34 -8.09 -3.31
N LEU A 29 -30.52 -8.64 -3.08
CA LEU A 29 -31.25 -8.43 -1.84
C LEU A 29 -30.69 -9.12 -0.60
N PRO A 30 -30.25 -10.38 -0.66
CA PRO A 30 -29.61 -10.95 0.53
C PRO A 30 -28.28 -10.30 0.85
N PHE A 31 -27.54 -9.85 -0.15
CA PHE A 31 -26.34 -9.09 0.13
C PHE A 31 -26.67 -7.76 0.80
N GLN A 32 -27.72 -7.09 0.35
CA GLN A 32 -28.15 -5.86 1.01
C GLN A 32 -28.53 -6.09 2.46
N ARG A 33 -29.24 -7.19 2.73
CA ARG A 33 -29.57 -7.48 4.13
C ARG A 33 -28.33 -7.77 4.96
N LEU A 34 -27.36 -8.47 4.39
CA LEU A 34 -26.10 -8.68 5.11
C LEU A 34 -25.37 -7.37 5.39
N VAL A 35 -25.37 -6.45 4.45
CA VAL A 35 -24.69 -5.18 4.65
C VAL A 35 -25.36 -4.37 5.74
N ARG A 36 -26.70 -4.32 5.73
CA ARG A 36 -27.39 -3.59 6.79
C ARG A 36 -27.21 -4.25 8.16
N GLU A 37 -27.16 -5.58 8.18
CA GLU A 37 -26.94 -6.29 9.43
C GLU A 37 -25.58 -6.00 10.01
N ILE A 38 -24.53 -6.02 9.19
CA ILE A 38 -23.20 -5.71 9.69
C ILE A 38 -23.10 -4.25 10.11
N ALA A 39 -23.74 -3.34 9.38
CA ALA A 39 -23.68 -1.93 9.76
C ALA A 39 -24.35 -1.69 11.11
N GLN A 40 -25.48 -2.34 11.35
CA GLN A 40 -26.22 -2.27 12.62
C GLN A 40 -25.34 -2.35 13.86
N ASP A 41 -24.29 -3.16 13.84
CA ASP A 41 -23.37 -3.31 14.96
C ASP A 41 -22.34 -2.18 15.05
N PHE A 42 -22.48 -1.11 14.30
CA PHE A 42 -21.62 0.06 14.46
C PHE A 42 -22.38 1.31 14.83
N LYS A 43 -23.55 1.55 14.22
CA LYS A 43 -24.40 2.65 14.61
C LYS A 43 -25.84 2.27 14.27
N THR A 44 -26.74 2.54 15.20
CA THR A 44 -28.15 2.28 14.95
C THR A 44 -28.78 3.29 14.02
N ASP A 45 -29.79 2.83 13.29
CA ASP A 45 -30.61 3.64 12.38
C ASP A 45 -29.78 4.32 11.30
N LEU A 46 -28.98 3.53 10.60
CA LEU A 46 -28.20 4.00 9.45
C LEU A 46 -28.95 3.77 8.16
N ARG A 47 -28.83 4.72 7.25
CA ARG A 47 -29.41 4.65 5.93
C ARG A 47 -28.31 4.49 4.90
N PHE A 48 -28.69 4.02 3.71
CA PHE A 48 -27.73 3.72 2.67
C PHE A 48 -28.30 4.16 1.33
N GLN A 49 -27.48 4.84 0.56
CA GLN A 49 -27.78 5.04 -0.84
C GLN A 49 -27.71 3.71 -1.57
N SER A 50 -28.45 3.62 -2.66
CA SER A 50 -28.41 2.40 -3.46
C SER A 50 -27.03 2.18 -4.07
N SER A 51 -26.42 3.24 -4.57
CA SER A 51 -25.07 3.13 -5.14
C SER A 51 -24.05 2.75 -4.10
N ALA A 52 -24.29 3.04 -2.83
CA ALA A 52 -23.36 2.58 -1.80
C ALA A 52 -23.38 1.07 -1.70
N VAL A 53 -24.56 0.46 -1.70
CA VAL A 53 -24.63 -0.99 -1.64
C VAL A 53 -24.12 -1.62 -2.93
N MET A 54 -24.36 -0.99 -4.07
CA MET A 54 -23.77 -1.50 -5.31
C MET A 54 -22.25 -1.45 -5.28
N ALA A 55 -21.67 -0.39 -4.72
CA ALA A 55 -20.23 -0.32 -4.62
C ALA A 55 -19.66 -1.38 -3.70
N LEU A 56 -20.31 -1.58 -2.54
CA LEU A 56 -19.90 -2.67 -1.66
C LEU A 56 -19.93 -4.01 -2.36
N GLN A 57 -20.96 -4.27 -3.17
CA GLN A 57 -21.06 -5.56 -3.83
C GLN A 57 -20.01 -5.70 -4.93
N GLU A 58 -19.77 -4.65 -5.70
CA GLU A 58 -18.72 -4.68 -6.70
C GLU A 58 -17.36 -5.00 -6.08
N ALA A 59 -17.02 -4.35 -4.97
CA ALA A 59 -15.72 -4.59 -4.39
C ALA A 59 -15.64 -5.96 -3.74
N SER A 60 -16.74 -6.43 -3.17
CA SER A 60 -16.74 -7.73 -2.50
C SER A 60 -16.58 -8.84 -3.53
N GLU A 61 -17.31 -8.77 -4.62
CA GLU A 61 -17.14 -9.77 -5.67
C GLU A 61 -15.77 -9.72 -6.32
N ALA A 62 -15.22 -8.53 -6.56
CA ALA A 62 -13.86 -8.48 -7.09
C ALA A 62 -12.85 -9.10 -6.12
N TYR A 63 -13.03 -8.86 -4.83
CA TYR A 63 -12.14 -9.44 -3.82
C TYR A 63 -12.24 -10.96 -3.78
N LEU A 64 -13.45 -11.50 -3.81
CA LEU A 64 -13.56 -12.94 -3.75
C LEU A 64 -13.09 -13.61 -5.02
N VAL A 65 -13.18 -12.94 -6.16
CA VAL A 65 -12.69 -13.57 -7.38
C VAL A 65 -11.17 -13.58 -7.42
N ALA A 66 -10.51 -12.50 -6.98
CA ALA A 66 -9.06 -12.56 -6.86
C ALA A 66 -8.60 -13.56 -5.80
N LEU A 67 -9.37 -13.72 -4.73
CA LEU A 67 -9.02 -14.70 -3.72
C LEU A 67 -9.12 -16.12 -4.26
N PHE A 68 -10.18 -16.44 -4.99
CA PHE A 68 -10.27 -17.78 -5.56
C PHE A 68 -9.23 -18.01 -6.65
N GLU A 69 -8.81 -16.98 -7.38
CA GLU A 69 -7.66 -17.15 -8.28
C GLU A 69 -6.42 -17.61 -7.52
N ASP A 70 -6.08 -16.91 -6.44
CA ASP A 70 -4.91 -17.32 -5.67
C ASP A 70 -5.09 -18.69 -5.02
N THR A 71 -6.32 -19.02 -4.61
CA THR A 71 -6.58 -20.32 -4.02
C THR A 71 -6.41 -21.45 -5.04
N ASN A 72 -6.85 -21.22 -6.27
CA ASN A 72 -6.62 -22.21 -7.31
C ASN A 72 -5.14 -22.37 -7.61
N LEU A 73 -4.37 -21.28 -7.56
CA LEU A 73 -2.93 -21.47 -7.76
C LEU A 73 -2.30 -22.26 -6.62
N CYS A 74 -2.78 -22.10 -5.39
CA CYS A 74 -2.26 -22.93 -4.30
C CYS A 74 -2.64 -24.41 -4.46
N ALA A 75 -3.87 -24.66 -4.88
CA ALA A 75 -4.31 -26.04 -5.09
C ALA A 75 -3.49 -26.71 -6.18
N ILE A 76 -3.40 -26.08 -7.34
CA ILE A 76 -2.55 -26.59 -8.42
C ILE A 76 -1.12 -26.80 -7.94
N HIS A 77 -0.61 -25.88 -7.12
CA HIS A 77 0.73 -26.07 -6.58
C HIS A 77 0.85 -27.33 -5.75
N ALA A 78 -0.20 -27.73 -5.05
CA ALA A 78 -0.09 -28.96 -4.26
C ALA A 78 -0.49 -30.21 -5.05
N LYS A 79 -0.41 -30.15 -6.38
CA LYS A 79 -0.75 -31.30 -7.25
C LYS A 79 -2.18 -31.77 -7.02
N ARG A 80 -3.06 -30.83 -6.76
CA ARG A 80 -4.49 -31.07 -6.58
C ARG A 80 -5.27 -30.23 -7.57
N VAL A 81 -6.54 -30.57 -7.75
CA VAL A 81 -7.47 -29.76 -8.53
C VAL A 81 -8.69 -29.36 -7.72
N THR A 82 -8.72 -29.69 -6.44
CA THR A 82 -9.83 -29.36 -5.57
C THR A 82 -9.34 -28.35 -4.54
N ILE A 83 -9.99 -27.22 -4.48
CA ILE A 83 -9.58 -26.20 -3.53
C ILE A 83 -10.07 -26.61 -2.15
N MET A 84 -9.33 -26.21 -1.13
CA MET A 84 -9.59 -26.62 0.24
C MET A 84 -9.43 -25.39 1.11
N PRO A 85 -10.00 -25.40 2.31
CA PRO A 85 -9.77 -24.25 3.21
C PRO A 85 -8.33 -24.07 3.66
N LYS A 86 -7.54 -25.15 3.71
CA LYS A 86 -6.09 -25.00 3.76
C LYS A 86 -5.57 -24.04 2.69
N ASP A 87 -6.06 -24.18 1.46
CA ASP A 87 -5.54 -23.35 0.37
C ASP A 87 -5.94 -21.89 0.53
N ILE A 88 -7.18 -21.64 0.97
CA ILE A 88 -7.61 -20.27 1.22
C ILE A 88 -6.79 -19.65 2.33
N GLN A 89 -6.52 -20.42 3.39
CA GLN A 89 -5.76 -19.89 4.51
C GLN A 89 -4.32 -19.60 4.12
N LEU A 90 -3.70 -20.49 3.33
CA LEU A 90 -2.37 -20.20 2.80
C LEU A 90 -2.35 -18.93 1.94
N ALA A 91 -3.34 -18.79 1.07
CA ALA A 91 -3.41 -17.62 0.21
C ALA A 91 -3.52 -16.35 1.03
N ARG A 92 -4.46 -16.31 1.97
CA ARG A 92 -4.63 -15.14 2.80
C ARG A 92 -3.42 -14.89 3.70
N ARG A 93 -2.73 -15.92 4.14
CA ARG A 93 -1.54 -15.70 4.97
C ARG A 93 -0.40 -15.08 4.17
N ILE A 94 -0.10 -15.63 2.99
CA ILE A 94 0.97 -15.06 2.18
C ILE A 94 0.59 -13.67 1.66
N ARG A 95 -0.69 -13.43 1.41
CA ARG A 95 -1.12 -12.12 0.96
C ARG A 95 -1.13 -11.09 2.08
N GLY A 96 -1.04 -11.53 3.32
CA GLY A 96 -0.93 -10.65 4.47
C GLY A 96 -2.24 -10.26 5.09
N GLU A 97 -3.33 -10.94 4.77
CA GLU A 97 -4.67 -10.56 5.19
C GLU A 97 -5.11 -11.30 6.45
N ARG A 98 -4.26 -12.16 7.00
CA ARG A 98 -4.64 -12.95 8.17
C ARG A 98 -5.02 -12.05 9.33
N ALA A 99 -4.24 -10.99 9.55
CA ALA A 99 -4.54 -10.03 10.61
C ALA A 99 -4.76 -8.65 10.03
N ASP B 1 -27.82 -16.29 10.12
CA ASP B 1 -28.55 -15.04 10.21
C ASP B 1 -28.11 -14.08 9.12
N ASN B 2 -28.72 -14.24 7.96
CA ASN B 2 -28.49 -13.45 6.74
C ASN B 2 -27.12 -13.71 6.11
N ILE B 3 -26.23 -14.38 6.83
CA ILE B 3 -24.96 -14.76 6.23
C ILE B 3 -25.19 -15.97 5.34
N GLN B 4 -26.25 -16.74 5.64
CA GLN B 4 -26.69 -17.84 4.81
C GLN B 4 -27.35 -17.39 3.53
N GLY B 5 -27.71 -16.11 3.43
CA GLY B 5 -28.19 -15.56 2.18
C GLY B 5 -27.13 -15.60 1.09
N ILE B 6 -25.86 -15.67 1.47
CA ILE B 6 -24.80 -15.95 0.50
C ILE B 6 -24.80 -17.43 0.21
N THR B 7 -25.53 -17.82 -0.83
CA THR B 7 -25.87 -19.21 -1.07
C THR B 7 -24.71 -19.99 -1.67
N LYS B 8 -24.86 -21.32 -1.62
CA LYS B 8 -23.90 -22.21 -2.25
C LYS B 8 -23.77 -22.04 -3.76
N PRO B 9 -24.83 -21.86 -4.55
CA PRO B 9 -24.62 -21.54 -5.96
C PRO B 9 -23.91 -20.22 -6.20
N ALA B 10 -24.07 -19.22 -5.32
CA ALA B 10 -23.41 -17.96 -5.58
C ALA B 10 -21.91 -18.06 -5.36
N ILE B 11 -21.50 -18.77 -4.31
CA ILE B 11 -20.08 -19.05 -4.12
C ILE B 11 -19.54 -19.92 -5.24
N ARG B 12 -20.35 -20.83 -5.77
CA ARG B 12 -19.86 -21.63 -6.90
C ARG B 12 -19.66 -20.78 -8.14
N ARG B 13 -20.57 -19.83 -8.39
CA ARG B 13 -20.40 -18.93 -9.52
C ARG B 13 -19.15 -18.06 -9.36
N LEU B 14 -18.95 -17.50 -8.17
CA LEU B 14 -17.73 -16.75 -7.91
C LEU B 14 -16.48 -17.60 -8.15
N ALA B 15 -16.49 -18.85 -7.68
CA ALA B 15 -15.35 -19.72 -7.93
C ALA B 15 -15.16 -20.00 -9.42
N ARG B 16 -16.25 -20.13 -10.17
CA ARG B 16 -16.14 -20.31 -11.61
C ARG B 16 -15.51 -19.09 -12.27
N ARG B 17 -15.87 -17.89 -11.83
CA ARG B 17 -15.21 -16.70 -12.35
C ARG B 17 -13.73 -16.68 -12.01
N GLY B 18 -13.35 -17.23 -10.86
CA GLY B 18 -11.95 -17.37 -10.55
C GLY B 18 -11.24 -18.49 -11.27
N GLY B 19 -11.97 -19.33 -12.00
CA GLY B 19 -11.36 -20.39 -12.76
C GLY B 19 -11.25 -21.72 -12.05
N VAL B 20 -11.98 -21.91 -10.96
CA VAL B 20 -11.88 -23.14 -10.17
C VAL B 20 -12.73 -24.22 -10.81
N LYS B 21 -12.14 -25.39 -11.03
CA LYS B 21 -12.84 -26.51 -11.63
C LYS B 21 -13.62 -27.34 -10.61
N ARG B 22 -13.01 -27.69 -9.49
CA ARG B 22 -13.62 -28.59 -8.51
C ARG B 22 -13.52 -27.94 -7.13
N ILE B 23 -14.61 -28.03 -6.36
CA ILE B 23 -14.78 -27.31 -5.10
C ILE B 23 -15.12 -28.28 -3.99
N SER B 24 -14.31 -28.31 -2.93
CA SER B 24 -14.67 -29.16 -1.82
C SER B 24 -15.80 -28.53 -1.01
N GLY B 25 -16.38 -29.34 -0.12
CA GLY B 25 -17.58 -28.92 0.59
C GLY B 25 -17.38 -27.95 1.74
N LEU B 26 -16.22 -27.98 2.38
CA LEU B 26 -15.91 -27.07 3.48
C LEU B 26 -15.54 -25.67 3.03
N ILE B 27 -15.39 -25.44 1.73
CA ILE B 27 -15.13 -24.11 1.20
C ILE B 27 -16.22 -23.12 1.60
N TYR B 28 -17.48 -23.53 1.51
CA TYR B 28 -18.55 -22.55 1.53
C TYR B 28 -18.61 -21.82 2.85
N GLU B 29 -18.50 -22.54 3.96
CA GLU B 29 -18.49 -21.85 5.24
C GLU B 29 -17.26 -20.99 5.39
N GLU B 30 -16.10 -21.50 4.96
CA GLU B 30 -14.90 -20.68 5.02
C GLU B 30 -15.08 -19.39 4.23
N THR B 31 -15.74 -19.48 3.08
CA THR B 31 -15.89 -18.27 2.27
C THR B 31 -16.86 -17.29 2.93
N ARG B 32 -17.96 -17.79 3.48
CA ARG B 32 -18.82 -16.93 4.27
C ARG B 32 -18.05 -16.23 5.37
N GLY B 33 -17.11 -16.92 6.02
CA GLY B 33 -16.31 -16.24 7.02
C GLY B 33 -15.47 -15.11 6.45
N VAL B 34 -14.77 -15.38 5.36
CA VAL B 34 -13.86 -14.37 4.82
C VAL B 34 -14.60 -13.14 4.31
N LEU B 35 -15.69 -13.35 3.59
CA LEU B 35 -16.50 -12.21 3.16
C LEU B 35 -17.03 -11.42 4.34
N LYS B 36 -17.42 -12.11 5.41
CA LYS B 36 -17.93 -11.39 6.57
C LYS B 36 -16.84 -10.50 7.15
N VAL B 37 -15.60 -10.98 7.16
CA VAL B 37 -14.54 -10.15 7.72
C VAL B 37 -14.24 -8.97 6.81
N PHE B 38 -14.26 -9.19 5.50
CA PHE B 38 -14.00 -8.08 4.58
C PHE B 38 -15.01 -6.95 4.72
N LEU B 39 -16.29 -7.27 4.70
CA LEU B 39 -17.27 -6.21 4.86
C LEU B 39 -17.17 -5.53 6.22
N GLU B 40 -16.79 -6.29 7.25
CA GLU B 40 -16.58 -5.65 8.55
C GLU B 40 -15.54 -4.56 8.46
N ASN B 41 -14.39 -4.84 7.87
CA ASN B 41 -13.38 -3.81 7.76
C ASN B 41 -13.87 -2.61 6.95
N VAL B 42 -14.52 -2.87 5.81
CA VAL B 42 -14.89 -1.77 4.93
C VAL B 42 -16.00 -0.91 5.51
N ILE B 43 -17.08 -1.54 5.98
CA ILE B 43 -18.20 -0.79 6.52
C ILE B 43 -17.83 -0.02 7.77
N ARG B 44 -16.93 -0.54 8.59
CA ARG B 44 -16.48 0.23 9.74
C ARG B 44 -15.89 1.55 9.30
N ASP B 45 -15.02 1.52 8.30
CA ASP B 45 -14.44 2.78 7.85
C ASP B 45 -15.49 3.68 7.25
N ALA B 46 -16.39 3.12 6.44
CA ALA B 46 -17.40 3.96 5.83
C ALA B 46 -18.28 4.60 6.88
N VAL B 47 -18.63 3.84 7.92
CA VAL B 47 -19.44 4.43 8.98
C VAL B 47 -18.68 5.53 9.70
N THR B 48 -17.39 5.32 9.94
CA THR B 48 -16.59 6.41 10.49
C THR B 48 -16.67 7.69 9.66
N TYR B 49 -16.55 7.58 8.34
CA TYR B 49 -16.68 8.81 7.56
C TYR B 49 -18.06 9.41 7.68
N THR B 50 -19.10 8.60 7.79
CA THR B 50 -20.42 9.15 8.00
C THR B 50 -20.52 9.83 9.35
N GLU B 51 -20.02 9.18 10.40
CA GLU B 51 -19.93 9.84 11.69
C GLU B 51 -19.26 11.20 11.59
N HIS B 52 -18.16 11.30 10.84
CA HIS B 52 -17.49 12.60 10.81
C HIS B 52 -18.25 13.64 10.01
N ALA B 53 -19.07 13.24 9.05
CA ALA B 53 -19.83 14.22 8.31
C ALA B 53 -21.11 14.63 9.01
N LYS B 54 -21.35 14.11 10.22
CA LYS B 54 -22.55 14.45 10.98
C LYS B 54 -23.82 14.11 10.21
N ARG B 55 -23.78 13.02 9.44
CA ARG B 55 -24.90 12.60 8.61
C ARG B 55 -25.43 11.26 9.09
N LYS B 56 -26.56 10.87 8.52
CA LYS B 56 -27.19 9.60 8.82
C LYS B 56 -27.30 8.66 7.63
N THR B 57 -26.96 9.11 6.44
CA THR B 57 -26.98 8.29 5.23
C THR B 57 -25.56 8.00 4.76
N VAL B 58 -25.24 6.73 4.60
CA VAL B 58 -23.91 6.34 4.13
C VAL B 58 -23.91 6.49 2.62
N THR B 59 -23.18 7.47 2.11
CA THR B 59 -23.09 7.71 0.68
C THR B 59 -22.13 6.73 0.01
N ALA B 60 -22.16 6.72 -1.32
CA ALA B 60 -21.21 5.91 -2.07
C ALA B 60 -19.81 6.47 -1.98
N MET B 61 -19.68 7.78 -1.86
CA MET B 61 -18.37 8.39 -1.67
C MET B 61 -17.70 7.89 -0.40
N ASP B 62 -18.50 7.61 0.64
CA ASP B 62 -17.91 7.08 1.86
C ASP B 62 -17.31 5.71 1.61
N VAL B 63 -18.02 4.86 0.87
CA VAL B 63 -17.49 3.52 0.59
C VAL B 63 -16.30 3.59 -0.35
N VAL B 64 -16.29 4.54 -1.28
CA VAL B 64 -15.15 4.71 -2.16
C VAL B 64 -13.92 5.16 -1.38
N TYR B 65 -14.07 6.18 -0.53
CA TYR B 65 -12.96 6.61 0.32
C TYR B 65 -12.47 5.50 1.23
N ALA B 66 -13.38 4.67 1.72
CA ALA B 66 -12.99 3.58 2.61
C ALA B 66 -12.18 2.53 1.88
N LEU B 67 -12.71 2.01 0.78
CA LEU B 67 -11.95 1.07 -0.04
C LEU B 67 -10.62 1.65 -0.51
N LYS B 68 -10.58 2.93 -0.86
CA LYS B 68 -9.32 3.54 -1.25
C LYS B 68 -8.31 3.60 -0.11
N ARG B 69 -8.77 3.92 1.10
CA ARG B 69 -7.86 3.91 2.23
C ARG B 69 -7.25 2.54 2.46
N GLN B 70 -8.03 1.48 2.24
CA GLN B 70 -7.55 0.12 2.44
C GLN B 70 -6.79 -0.42 1.23
N GLY B 71 -6.41 0.44 0.29
CA GLY B 71 -5.62 -0.02 -0.83
C GLY B 71 -6.36 -0.80 -1.88
N ARG B 72 -7.69 -0.64 -1.99
CA ARG B 72 -8.46 -1.28 -3.05
C ARG B 72 -9.32 -0.22 -3.74
N THR B 73 -8.71 0.49 -4.69
CA THR B 73 -9.36 1.63 -5.31
C THR B 73 -10.44 1.16 -6.27
N LEU B 74 -11.65 1.67 -6.11
CA LEU B 74 -12.79 1.27 -6.92
C LEU B 74 -13.15 2.39 -7.89
N TYR B 75 -13.14 2.11 -9.19
CA TYR B 75 -13.54 3.09 -10.18
C TYR B 75 -14.99 2.90 -10.57
N GLY B 76 -15.62 4.00 -10.97
CA GLY B 76 -16.97 3.98 -11.51
C GLY B 76 -18.07 4.44 -10.60
N PHE B 77 -17.75 5.02 -9.45
CA PHE B 77 -18.77 5.48 -8.51
C PHE B 77 -18.53 6.90 -8.04
N GLY B 78 -17.75 7.67 -8.80
CA GLY B 78 -17.43 9.03 -8.42
C GLY B 78 -16.03 9.13 -7.85
N GLY B 79 -15.74 10.30 -7.30
CA GLY B 79 -14.43 10.54 -6.72
C GLY B 79 -13.38 10.78 -7.79
N LYS C 1 4.67 34.17 33.93
CA LYS C 1 3.47 33.98 33.11
C LYS C 1 3.85 33.38 31.76
N ALA C 2 5.01 32.72 31.73
CA ALA C 2 5.53 32.03 30.55
C ALA C 2 5.35 30.52 30.66
N LYS C 3 4.17 30.08 31.09
CA LYS C 3 3.89 28.65 31.20
C LYS C 3 3.55 28.07 29.83
N THR C 4 4.35 27.10 29.40
CA THR C 4 4.18 26.48 28.10
C THR C 4 2.92 25.62 28.03
N ARG C 5 2.43 25.46 26.81
CA ARG C 5 1.20 24.72 26.56
C ARG C 5 1.36 23.23 26.76
N SER C 6 2.58 22.70 26.66
CA SER C 6 2.81 21.30 27.02
C SER C 6 2.45 21.06 28.49
N SER C 7 3.04 21.86 29.38
CA SER C 7 2.73 21.76 30.80
C SER C 7 1.30 22.21 31.09
N ARG C 8 0.80 23.18 30.32
CA ARG C 8 -0.58 23.63 30.48
C ARG C 8 -1.57 22.52 30.18
N ALA C 9 -1.28 21.70 29.17
CA ALA C 9 -2.16 20.59 28.80
C ALA C 9 -1.88 19.32 29.58
N GLY C 10 -0.91 19.33 30.50
CA GLY C 10 -0.58 18.11 31.21
C GLY C 10 0.10 17.04 30.41
N LEU C 11 0.90 17.41 29.43
CA LEU C 11 1.52 16.48 28.50
C LEU C 11 3.03 16.65 28.57
N GLN C 12 3.74 15.84 27.78
CA GLN C 12 5.19 15.94 27.74
C GLN C 12 5.71 16.30 26.36
N PHE C 13 5.09 15.79 25.30
CA PHE C 13 5.53 16.13 23.96
C PHE C 13 5.18 17.58 23.66
N PRO C 14 6.02 18.29 22.91
CA PRO C 14 5.85 19.74 22.77
C PRO C 14 4.65 20.07 21.90
N VAL C 15 3.70 20.81 22.47
CA VAL C 15 2.54 21.23 21.70
C VAL C 15 2.91 22.33 20.72
N GLY C 16 3.96 23.09 21.03
CA GLY C 16 4.37 24.14 20.12
C GLY C 16 5.03 23.59 18.88
N ARG C 17 5.88 22.58 19.04
CA ARG C 17 6.55 21.99 17.89
C ARG C 17 5.58 21.23 17.02
N VAL C 18 4.66 20.49 17.63
CA VAL C 18 3.60 19.83 16.86
C VAL C 18 2.77 20.87 16.10
N HIS C 19 2.47 21.99 16.74
CA HIS C 19 1.66 23.02 16.07
C HIS C 19 2.40 23.63 14.90
N ARG C 20 3.69 23.91 15.06
CA ARG C 20 4.43 24.47 13.95
C ARG C 20 4.79 23.45 12.89
N LEU C 21 4.72 22.16 13.20
CA LEU C 21 4.84 21.16 12.15
C LEU C 21 3.53 20.95 11.40
N LEU C 22 2.40 21.16 12.07
CA LEU C 22 1.13 21.14 11.36
C LEU C 22 0.98 22.36 10.47
N ARG C 23 1.57 23.49 10.86
CA ARG C 23 1.54 24.66 9.99
C ARG C 23 2.53 24.53 8.84
N LYS C 24 3.79 24.19 9.12
CA LYS C 24 4.76 24.10 8.04
C LYS C 24 4.43 22.97 7.07
N GLY C 25 3.82 21.90 7.54
CA GLY C 25 3.69 20.75 6.68
C GLY C 25 2.67 20.86 5.56
N ASN C 26 1.97 21.98 5.41
CA ASN C 26 1.02 22.18 4.32
C ASN C 26 -0.06 21.11 4.33
N TYR C 27 -0.81 21.07 5.42
CA TYR C 27 -1.91 20.12 5.55
C TYR C 27 -3.25 20.79 5.35
N ALA C 28 -3.42 22.00 5.87
CA ALA C 28 -4.63 22.76 5.61
C ALA C 28 -4.28 24.23 5.72
N GLU C 29 -5.26 25.07 5.41
CA GLU C 29 -5.05 26.51 5.54
C GLU C 29 -5.06 26.95 7.00
N ARG C 30 -6.06 26.51 7.75
CA ARG C 30 -6.21 26.89 9.15
C ARG C 30 -5.96 25.69 10.04
N VAL C 31 -5.33 25.92 11.18
CA VAL C 31 -5.05 24.89 12.18
C VAL C 31 -5.47 25.42 13.54
N GLY C 32 -6.32 24.67 14.23
CA GLY C 32 -6.85 25.11 15.51
C GLY C 32 -5.84 25.04 16.62
N ALA C 33 -6.32 25.01 17.87
CA ALA C 33 -5.47 24.78 19.03
C ALA C 33 -5.69 23.43 19.67
N GLY C 34 -6.91 22.93 19.64
CA GLY C 34 -7.18 21.56 20.08
C GLY C 34 -6.45 20.51 19.27
N ALA C 35 -6.15 20.80 18.02
CA ALA C 35 -5.43 19.81 17.20
C ALA C 35 -4.02 19.50 17.66
N PRO C 36 -3.11 20.44 17.89
CA PRO C 36 -1.79 20.00 18.37
C PRO C 36 -1.76 19.48 19.79
N VAL C 37 -2.63 19.91 20.69
CA VAL C 37 -2.69 19.29 22.01
C VAL C 37 -3.13 17.84 21.91
N TYR C 38 -4.24 17.61 21.21
CA TYR C 38 -4.74 16.25 21.03
C TYR C 38 -3.70 15.37 20.34
N LEU C 39 -3.00 15.90 19.35
CA LEU C 39 -2.07 15.07 18.59
C LEU C 39 -0.82 14.76 19.40
N ALA C 40 -0.34 15.73 20.19
CA ALA C 40 0.76 15.45 21.10
C ALA C 40 0.37 14.42 22.15
N ALA C 41 -0.89 14.46 22.60
CA ALA C 41 -1.35 13.44 23.54
C ALA C 41 -1.32 12.05 22.92
N VAL C 42 -1.84 11.91 21.70
CA VAL C 42 -1.82 10.62 21.02
C VAL C 42 -0.40 10.11 20.84
N LEU C 43 0.50 10.99 20.38
CA LEU C 43 1.89 10.57 20.16
C LEU C 43 2.55 10.15 21.47
N GLU C 44 2.29 10.89 22.55
CA GLU C 44 2.82 10.50 23.85
C GLU C 44 2.30 9.14 24.28
N TYR C 45 1.02 8.85 24.01
CA TYR C 45 0.49 7.55 24.39
C TYR C 45 1.13 6.41 23.61
N LEU C 46 1.37 6.60 22.32
CA LEU C 46 1.98 5.50 21.57
C LEU C 46 3.44 5.30 21.96
N THR C 47 4.16 6.39 22.20
CA THR C 47 5.52 6.26 22.69
C THR C 47 5.58 5.59 24.05
N ALA C 48 4.62 5.91 24.92
CA ALA C 48 4.55 5.27 26.23
C ALA C 48 4.34 3.78 26.10
N GLU C 49 3.35 3.37 25.32
CA GLU C 49 3.07 1.95 25.13
C GLU C 49 4.26 1.20 24.56
N ILE C 50 4.94 1.78 23.57
CA ILE C 50 6.05 1.05 22.96
C ILE C 50 7.23 0.95 23.90
N LEU C 51 7.57 2.04 24.61
CA LEU C 51 8.66 1.96 25.56
C LEU C 51 8.33 1.09 26.77
N GLU C 52 7.06 0.98 27.14
CA GLU C 52 6.68 0.04 28.20
C GLU C 52 6.96 -1.40 27.80
N LEU C 53 6.37 -1.84 26.69
CA LEU C 53 6.66 -3.20 26.23
C LEU C 53 8.14 -3.43 25.95
N ALA C 54 8.87 -2.40 25.54
CA ALA C 54 10.29 -2.61 25.26
C ALA C 54 11.14 -2.71 26.52
N GLY C 55 10.84 -1.91 27.55
CA GLY C 55 11.48 -2.13 28.84
C GLY C 55 11.16 -3.48 29.45
N ASN C 56 9.94 -3.96 29.26
CA ASN C 56 9.62 -5.30 29.73
C ASN C 56 10.47 -6.35 29.02
N ALA C 57 10.58 -6.26 27.70
CA ALA C 57 11.40 -7.24 27.01
C ALA C 57 12.90 -7.07 27.27
N ALA C 58 13.36 -5.86 27.61
CA ALA C 58 14.75 -5.72 28.02
C ALA C 58 15.01 -6.31 29.40
N ARG C 59 14.07 -6.13 30.33
CA ARG C 59 14.17 -6.73 31.66
C ARG C 59 14.17 -8.25 31.58
N ASP C 60 13.24 -8.81 30.80
CA ASP C 60 13.20 -10.26 30.57
C ASP C 60 14.51 -10.77 29.99
N ASN C 61 15.22 -9.96 29.22
CA ASN C 61 16.51 -10.32 28.68
C ASN C 61 17.67 -9.96 29.62
N LYS C 62 17.34 -9.54 30.84
CA LYS C 62 18.32 -9.19 31.86
C LYS C 62 19.25 -8.06 31.41
N LYS C 63 18.69 -7.03 30.80
CA LYS C 63 19.45 -5.91 30.28
C LYS C 63 18.78 -4.64 30.78
N THR C 64 19.57 -3.59 30.99
CA THR C 64 19.02 -2.33 31.47
C THR C 64 19.09 -1.22 30.43
N ARG C 65 19.41 -1.54 29.18
CA ARG C 65 19.48 -0.57 28.10
C ARG C 65 18.71 -1.12 26.92
N ILE C 66 17.69 -0.40 26.48
CA ILE C 66 16.85 -0.89 25.39
C ILE C 66 17.59 -0.79 24.06
N ILE C 67 17.72 -1.92 23.39
CA ILE C 67 18.39 -2.00 22.09
C ILE C 67 17.33 -2.13 21.00
N PRO C 68 17.68 -1.99 19.72
CA PRO C 68 16.72 -2.31 18.65
C PRO C 68 16.03 -3.66 18.75
N ARG C 69 16.77 -4.74 19.04
CA ARG C 69 16.16 -6.05 19.22
C ARG C 69 15.00 -6.04 20.21
N HIS C 70 15.07 -5.20 21.24
CA HIS C 70 14.02 -5.18 22.24
C HIS C 70 12.78 -4.49 21.71
N LEU C 71 12.95 -3.45 20.91
CA LEU C 71 11.82 -2.85 20.22
C LEU C 71 11.19 -3.83 19.24
N GLN C 72 12.02 -4.58 18.50
CA GLN C 72 11.50 -5.61 17.62
C GLN C 72 10.61 -6.61 18.35
N LEU C 73 11.11 -7.17 19.46
CA LEU C 73 10.29 -8.13 20.21
C LEU C 73 9.06 -7.49 20.81
N ALA C 74 9.19 -6.24 21.28
CA ALA C 74 8.07 -5.54 21.90
C ALA C 74 6.95 -5.31 20.90
N VAL C 75 7.31 -5.02 19.66
CA VAL C 75 6.29 -4.75 18.64
C VAL C 75 5.72 -6.04 18.09
N ARG C 76 6.58 -7.01 17.77
CA ARG C 76 6.07 -8.17 17.07
C ARG C 76 5.37 -9.16 17.99
N ASN C 77 5.59 -9.10 19.30
CA ASN C 77 4.81 -9.95 20.18
C ASN C 77 3.48 -9.33 20.60
N ASP C 78 3.29 -8.03 20.45
CA ASP C 78 1.99 -7.42 20.64
C ASP C 78 1.20 -7.46 19.34
N GLU C 79 -0.11 -7.72 19.45
CA GLU C 79 -0.95 -7.86 18.27
C GLU C 79 -1.26 -6.52 17.62
N GLU C 80 -1.65 -5.53 18.42
CA GLU C 80 -2.09 -4.27 17.83
C GLU C 80 -0.93 -3.40 17.37
N LEU C 81 0.22 -3.50 18.03
CA LEU C 81 1.40 -2.84 17.51
C LEU C 81 1.93 -3.53 16.27
N ASN C 82 1.66 -4.83 16.13
CA ASN C 82 2.00 -5.52 14.88
C ASN C 82 1.07 -5.07 13.76
N LYS C 83 -0.21 -4.88 14.04
CA LYS C 83 -1.12 -4.33 13.05
C LYS C 83 -0.74 -2.91 12.66
N LEU C 84 -0.27 -2.12 13.62
CA LEU C 84 0.13 -0.75 13.32
C LEU C 84 1.40 -0.73 12.46
N LEU C 85 2.36 -1.58 12.77
CA LEU C 85 3.67 -1.58 12.13
C LEU C 85 3.89 -2.88 11.36
N GLY C 86 2.88 -3.31 10.61
CA GLY C 86 3.02 -4.53 9.84
C GLY C 86 3.93 -4.39 8.63
N ARG C 87 3.87 -3.25 7.96
CA ARG C 87 4.67 -2.99 6.77
C ARG C 87 5.90 -2.13 7.07
N VAL C 88 6.48 -2.26 8.26
CA VAL C 88 7.57 -1.41 8.71
C VAL C 88 8.73 -2.29 9.15
N THR C 89 9.90 -2.05 8.57
CA THR C 89 11.11 -2.76 8.92
C THR C 89 11.86 -1.98 9.99
N ILE C 90 12.19 -2.66 11.08
CA ILE C 90 13.06 -2.09 12.12
C ILE C 90 14.45 -2.67 11.92
N ALA C 91 15.42 -1.79 11.71
CA ALA C 91 16.78 -2.24 11.45
C ALA C 91 17.41 -2.80 12.70
N GLN C 92 18.36 -3.72 12.51
CA GLN C 92 19.04 -4.37 13.62
C GLN C 92 18.10 -5.10 14.57
N GLY C 93 16.98 -5.62 14.07
CA GLY C 93 16.01 -6.23 14.96
C GLY C 93 15.88 -7.73 14.77
N GLY C 94 16.09 -8.21 13.56
CA GLY C 94 15.92 -9.61 13.24
C GLY C 94 14.46 -10.05 13.21
N VAL C 95 14.22 -11.32 13.52
CA VAL C 95 12.88 -11.87 13.56
C VAL C 95 12.63 -12.57 14.88
N LEU C 96 11.39 -13.03 15.05
CA LEU C 96 10.98 -13.81 16.21
C LEU C 96 11.55 -15.22 16.13
N PRO C 97 11.81 -15.84 17.26
CA PRO C 97 12.22 -17.24 17.22
C PRO C 97 11.11 -18.21 16.85
N ASN C 98 10.79 -18.32 15.57
CA ASN C 98 9.68 -19.15 15.08
C ASN C 98 10.21 -20.34 14.27
N ILE C 99 9.89 -21.53 14.73
CA ILE C 99 10.26 -22.79 14.07
C ILE C 99 8.98 -23.57 13.80
N GLN C 100 8.77 -23.98 12.56
CA GLN C 100 7.55 -24.72 12.23
C GLN C 100 7.56 -26.10 12.88
N SER C 101 6.36 -26.65 13.05
CA SER C 101 6.16 -27.89 13.79
C SER C 101 6.56 -29.11 12.98
N VAL C 102 6.36 -29.05 11.66
CA VAL C 102 6.64 -30.22 10.83
C VAL C 102 8.13 -30.40 10.64
N LEU C 103 8.92 -29.36 10.89
CA LEU C 103 10.36 -29.46 10.74
C LEU C 103 11.01 -30.13 11.93
N LEU C 104 10.34 -30.16 13.07
CA LEU C 104 10.87 -30.80 14.26
C LEU C 104 10.85 -32.31 14.12
N PRO C 105 11.85 -33.01 14.69
CA PRO C 105 11.85 -34.47 14.63
C PRO C 105 10.81 -35.09 15.54
N LYS D 1 26.41 23.11 11.39
CA LYS D 1 26.10 23.37 12.80
C LYS D 1 24.64 23.80 12.94
N THR D 2 23.82 23.47 11.94
CA THR D 2 22.39 23.74 11.99
C THR D 2 21.71 22.79 12.97
N ARG D 3 20.94 23.36 13.90
CA ARG D 3 20.32 22.54 14.93
C ARG D 3 19.26 21.66 14.29
N LYS D 4 19.53 20.36 14.27
CA LYS D 4 18.59 19.34 13.81
C LYS D 4 17.61 18.99 14.92
N GLU D 5 16.32 19.24 14.68
CA GLU D 5 15.34 19.00 15.73
C GLU D 5 15.12 17.50 15.92
N SER D 6 14.61 17.13 17.09
CA SER D 6 14.42 15.72 17.37
C SER D 6 13.40 15.57 18.48
N TYR D 7 12.96 14.33 18.70
CA TYR D 7 12.09 13.99 19.82
C TYR D 7 12.82 13.23 20.91
N ALA D 8 14.14 13.37 21.00
CA ALA D 8 14.92 12.44 21.80
C ALA D 8 14.70 12.67 23.29
N ILE D 9 14.75 13.92 23.72
CA ILE D 9 14.54 14.24 25.13
C ILE D 9 13.12 13.93 25.56
N TYR D 10 12.14 14.04 24.66
CA TYR D 10 10.77 13.77 25.06
C TYR D 10 10.52 12.28 25.20
N VAL D 11 11.14 11.48 24.33
CA VAL D 11 11.10 10.03 24.48
C VAL D 11 11.80 9.61 25.75
N TYR D 12 12.92 10.25 26.06
CA TYR D 12 13.62 9.92 27.29
C TYR D 12 12.80 10.29 28.53
N LYS D 13 12.09 11.42 28.48
CA LYS D 13 11.22 11.79 29.60
C LYS D 13 10.10 10.77 29.79
N VAL D 14 9.49 10.31 28.69
CA VAL D 14 8.41 9.34 28.85
C VAL D 14 8.95 7.98 29.27
N LEU D 15 10.19 7.67 28.90
CA LEU D 15 10.81 6.42 29.32
C LEU D 15 11.09 6.42 30.81
N LYS D 16 11.65 7.51 31.33
CA LYS D 16 11.81 7.62 32.77
C LYS D 16 10.47 7.60 33.49
N GLN D 17 9.43 8.20 32.91
CA GLN D 17 8.12 8.09 33.56
C GLN D 17 7.47 6.72 33.46
N VAL D 18 7.94 5.80 32.62
CA VAL D 18 7.37 4.46 32.60
C VAL D 18 8.34 3.38 33.09
N HIS D 19 9.64 3.61 33.03
CA HIS D 19 10.62 2.68 33.59
C HIS D 19 11.78 3.53 34.13
N PRO D 20 11.81 3.77 35.44
CA PRO D 20 12.81 4.69 35.99
C PRO D 20 14.24 4.19 35.96
N ASP D 21 14.47 2.89 35.81
CA ASP D 21 15.83 2.36 35.85
C ASP D 21 16.38 1.93 34.50
N THR D 22 15.59 1.89 33.43
CA THR D 22 16.05 1.40 32.13
C THR D 22 16.44 2.57 31.25
N GLY D 23 17.64 2.51 30.70
CA GLY D 23 18.12 3.50 29.76
C GLY D 23 17.83 3.06 28.34
N ILE D 24 18.47 3.73 27.39
CA ILE D 24 18.18 3.43 25.99
C ILE D 24 19.39 3.83 25.16
N SER D 25 19.69 3.01 24.17
CA SER D 25 20.80 3.29 23.27
C SER D 25 20.40 4.31 22.23
N SER D 26 21.39 4.76 21.46
CA SER D 26 21.14 5.79 20.46
C SER D 26 20.50 5.22 19.20
N LYS D 27 20.74 3.96 18.86
CA LYS D 27 20.05 3.38 17.72
C LYS D 27 18.57 3.17 18.02
N ALA D 28 18.23 2.71 19.22
CA ALA D 28 16.83 2.62 19.59
C ALA D 28 16.21 4.00 19.71
N MET D 29 16.98 5.02 20.07
CA MET D 29 16.46 6.37 20.05
C MET D 29 16.16 6.82 18.63
N SER D 30 17.01 6.47 17.67
CA SER D 30 16.71 6.78 16.28
C SER D 30 15.45 6.06 15.81
N ILE D 31 15.27 4.81 16.24
CA ILE D 31 14.08 4.08 15.83
C ILE D 31 12.82 4.68 16.44
N MET D 32 12.91 5.18 17.67
CA MET D 32 11.74 5.82 18.27
C MET D 32 11.46 7.17 17.62
N ASN D 33 12.50 7.92 17.26
CA ASN D 33 12.31 9.17 16.56
C ASN D 33 11.61 8.94 15.22
N SER D 34 12.01 7.89 14.50
CA SER D 34 11.39 7.64 13.21
C SER D 34 9.97 7.11 13.38
N PHE D 35 9.70 6.36 14.45
CA PHE D 35 8.32 5.99 14.77
C PHE D 35 7.44 7.19 15.03
N VAL D 36 7.95 8.18 15.76
CA VAL D 36 7.14 9.35 16.07
C VAL D 36 6.87 10.16 14.81
N ASN D 37 7.90 10.43 14.02
CA ASN D 37 7.70 11.11 12.73
C ASN D 37 6.70 10.37 11.84
N ASP D 38 6.81 9.04 11.76
CA ASP D 38 5.92 8.26 10.92
C ASP D 38 4.47 8.39 11.36
N VAL D 39 4.19 8.12 12.63
CA VAL D 39 2.82 8.19 13.10
C VAL D 39 2.25 9.60 12.99
N PHE D 40 3.07 10.61 13.28
CA PHE D 40 2.69 12.00 13.02
C PHE D 40 2.24 12.22 11.59
N GLU D 41 3.09 11.87 10.63
CA GLU D 41 2.74 12.06 9.22
C GLU D 41 1.49 11.29 8.82
N ARG D 42 1.31 10.08 9.35
CA ARG D 42 0.12 9.29 9.05
C ARG D 42 -1.14 9.99 9.54
N ILE D 43 -1.13 10.46 10.78
CA ILE D 43 -2.34 11.05 11.34
C ILE D 43 -2.64 12.40 10.72
N ALA D 44 -1.62 13.24 10.54
CA ALA D 44 -1.84 14.52 9.89
C ALA D 44 -2.26 14.38 8.44
N GLY D 45 -1.78 13.35 7.75
CA GLY D 45 -2.25 13.06 6.42
C GLY D 45 -3.71 12.71 6.37
N GLU D 46 -4.12 11.71 7.15
CA GLU D 46 -5.52 11.34 7.18
C GLU D 46 -6.41 12.51 7.60
N ALA D 47 -5.95 13.34 8.53
CA ALA D 47 -6.74 14.49 8.94
C ALA D 47 -6.88 15.52 7.83
N SER D 48 -5.80 15.79 7.10
CA SER D 48 -5.90 16.68 5.94
C SER D 48 -6.87 16.14 4.90
N ARG D 49 -6.82 14.83 4.63
CA ARG D 49 -7.77 14.23 3.71
C ARG D 49 -9.21 14.39 4.18
N LEU D 50 -9.46 14.14 5.47
CA LEU D 50 -10.79 14.37 6.02
C LEU D 50 -11.25 15.81 5.85
N ALA D 51 -10.37 16.76 6.08
CA ALA D 51 -10.75 18.16 5.90
C ALA D 51 -11.05 18.49 4.44
N HIS D 52 -10.29 17.92 3.51
CA HIS D 52 -10.57 18.16 2.09
C HIS D 52 -11.89 17.52 1.64
N TYR D 53 -12.19 16.33 2.14
CA TYR D 53 -13.44 15.67 1.81
C TYR D 53 -14.65 16.52 2.20
N ASN D 54 -14.64 17.07 3.40
CA ASN D 54 -15.78 17.78 3.95
C ASN D 54 -15.79 19.27 3.58
N LYS D 55 -15.01 19.67 2.58
CA LYS D 55 -15.01 21.05 2.10
C LYS D 55 -14.64 22.04 3.20
N ARG D 56 -13.70 21.64 4.06
CA ARG D 56 -13.27 22.44 5.19
C ARG D 56 -11.80 22.81 5.00
N SER D 57 -11.37 23.87 5.68
CA SER D 57 -10.00 24.32 5.61
C SER D 57 -9.35 24.42 6.99
N THR D 58 -10.03 24.00 8.04
CA THR D 58 -9.54 24.07 9.40
C THR D 58 -9.41 22.66 9.97
N ILE D 59 -8.20 22.28 10.36
CA ILE D 59 -7.98 21.01 11.04
C ILE D 59 -8.20 21.29 12.51
N THR D 60 -9.26 20.73 13.07
CA THR D 60 -9.56 20.84 14.48
C THR D 60 -9.32 19.51 15.19
N SER D 61 -9.70 19.46 16.46
CA SER D 61 -9.54 18.24 17.23
C SER D 61 -10.43 17.13 16.70
N ARG D 62 -11.54 17.47 16.04
CA ARG D 62 -12.43 16.43 15.55
C ARG D 62 -11.79 15.67 14.39
N GLU D 63 -11.06 16.37 13.52
CA GLU D 63 -10.35 15.71 12.45
C GLU D 63 -9.26 14.79 12.99
N ILE D 64 -8.48 15.24 13.95
CA ILE D 64 -7.47 14.37 14.52
C ILE D 64 -8.10 13.19 15.24
N GLN D 65 -9.25 13.39 15.86
CA GLN D 65 -9.92 12.29 16.55
C GLN D 65 -10.38 11.22 15.56
N THR D 66 -10.99 11.64 14.46
CA THR D 66 -11.43 10.67 13.47
C THR D 66 -10.25 10.05 12.73
N ALA D 67 -9.15 10.77 12.57
CA ALA D 67 -7.96 10.18 11.99
C ALA D 67 -7.38 9.10 12.88
N VAL D 68 -7.40 9.34 14.20
CA VAL D 68 -6.92 8.31 15.12
C VAL D 68 -7.86 7.12 15.14
N ARG D 69 -9.17 7.36 15.08
CA ARG D 69 -10.10 6.23 15.03
C ARG D 69 -10.00 5.45 13.73
N LEU D 70 -9.55 6.07 12.65
CA LEU D 70 -9.29 5.31 11.43
C LEU D 70 -7.99 4.54 11.49
N LEU D 71 -6.90 5.19 11.89
CA LEU D 71 -5.58 4.62 11.70
C LEU D 71 -5.19 3.62 12.79
N LEU D 72 -5.53 3.87 14.03
CA LEU D 72 -5.10 2.94 15.07
C LEU D 72 -6.03 1.75 15.20
N PRO D 73 -5.49 0.53 15.28
CA PRO D 73 -6.33 -0.68 15.29
C PRO D 73 -6.95 -0.98 16.65
N GLY D 74 -8.24 -0.73 16.76
CA GLY D 74 -9.02 -1.21 17.89
C GLY D 74 -8.79 -0.57 19.24
N GLU D 75 -8.14 -1.33 20.14
CA GLU D 75 -7.97 -0.86 21.51
C GLU D 75 -6.99 0.30 21.63
N LEU D 76 -6.00 0.36 20.76
CA LEU D 76 -5.13 1.53 20.75
C LEU D 76 -5.93 2.76 20.39
N ALA D 77 -6.90 2.61 19.50
CA ALA D 77 -7.74 3.77 19.23
C ALA D 77 -8.59 4.13 20.44
N LYS D 78 -9.17 3.13 21.11
CA LYS D 78 -10.01 3.47 22.25
C LYS D 78 -9.26 4.15 23.37
N HIS D 79 -8.08 3.69 23.70
CA HIS D 79 -7.36 4.36 24.76
C HIS D 79 -6.80 5.71 24.32
N ALA D 80 -6.39 5.84 23.06
CA ALA D 80 -5.81 7.12 22.68
C ALA D 80 -6.82 8.22 22.51
N VAL D 81 -8.03 7.88 22.09
CA VAL D 81 -9.04 8.91 22.00
C VAL D 81 -9.40 9.37 23.39
N SER D 82 -9.43 8.44 24.35
CA SER D 82 -9.69 8.86 25.71
C SER D 82 -8.59 9.77 26.21
N GLU D 83 -7.33 9.35 26.02
CA GLU D 83 -6.24 10.18 26.48
C GLU D 83 -6.24 11.52 25.79
N GLY D 84 -6.60 11.54 24.51
CA GLY D 84 -6.55 12.80 23.80
C GLY D 84 -7.65 13.72 24.27
N THR D 85 -8.84 13.19 24.46
CA THR D 85 -9.91 14.03 24.95
C THR D 85 -9.61 14.53 26.36
N LYS D 86 -8.96 13.71 27.18
CA LYS D 86 -8.55 14.20 28.48
C LYS D 86 -7.63 15.39 28.37
N ALA D 87 -6.64 15.32 27.48
CA ALA D 87 -5.71 16.43 27.38
C ALA D 87 -6.38 17.65 26.78
N VAL D 88 -7.43 17.49 25.99
CA VAL D 88 -8.03 18.72 25.50
C VAL D 88 -8.91 19.35 26.55
N THR D 89 -9.58 18.55 27.39
CA THR D 89 -10.30 19.12 28.53
C THR D 89 -9.39 19.87 29.48
N LYS D 90 -8.33 19.21 29.93
CA LYS D 90 -7.36 19.88 30.78
C LYS D 90 -6.80 21.13 30.12
N TYR D 91 -6.73 21.15 28.79
CA TYR D 91 -6.23 22.35 28.13
C TYR D 91 -7.27 23.45 28.15
N THR D 92 -8.52 23.11 27.83
CA THR D 92 -9.55 24.12 27.68
C THR D 92 -10.10 24.62 29.01
N SER D 93 -9.73 23.98 30.11
CA SER D 93 -10.18 24.35 31.45
C SER D 93 -8.98 24.50 32.38
N ALA D 94 -7.96 25.22 31.94
CA ALA D 94 -6.77 25.44 32.74
C ALA D 94 -6.65 26.92 33.08
N LYS D 95 -5.58 27.27 33.78
CA LYS D 95 -5.29 28.67 34.09
C LYS D 95 -3.93 29.07 33.50
N PRO E 2 34.72 -41.62 14.87
CA PRO E 2 34.34 -40.51 13.99
C PRO E 2 32.89 -40.10 14.18
N HIS E 3 32.64 -39.14 15.07
CA HIS E 3 31.25 -38.75 15.32
C HIS E 3 30.69 -37.99 14.12
N ARG E 4 29.43 -38.27 13.80
CA ARG E 4 28.74 -37.62 12.70
C ARG E 4 27.27 -37.47 13.02
N TYR E 5 26.70 -36.29 12.79
CA TYR E 5 25.30 -36.22 13.18
C TYR E 5 24.46 -36.75 12.04
N ARG E 6 23.20 -37.01 12.32
CA ARG E 6 22.27 -37.28 11.25
C ARG E 6 21.90 -36.00 10.50
N PRO E 7 21.47 -36.12 9.25
CA PRO E 7 21.03 -34.93 8.50
C PRO E 7 19.81 -34.29 9.13
N GLY E 8 19.86 -32.97 9.29
CA GLY E 8 18.76 -32.27 9.91
C GLY E 8 19.09 -31.60 11.23
N THR E 9 20.02 -32.15 11.98
CA THR E 9 20.29 -31.66 13.32
C THR E 9 21.11 -30.38 13.32
N VAL E 10 22.11 -30.29 12.45
CA VAL E 10 22.88 -29.05 12.34
C VAL E 10 22.07 -27.96 11.67
N ALA E 11 21.20 -28.35 10.75
CA ALA E 11 20.28 -27.39 10.13
C ALA E 11 19.40 -26.71 11.18
N LEU E 12 18.72 -27.51 12.00
CA LEU E 12 17.90 -26.96 13.08
C LEU E 12 18.73 -26.17 14.09
N ARG E 13 19.96 -26.61 14.34
CA ARG E 13 20.82 -25.85 15.26
C ARG E 13 21.13 -24.47 14.70
N GLU E 14 21.34 -24.39 13.40
CA GLU E 14 21.61 -23.11 12.76
C GLU E 14 20.35 -22.26 12.68
N ILE E 15 19.20 -22.87 12.43
CA ILE E 15 17.95 -22.13 12.49
C ILE E 15 17.82 -21.42 13.83
N ARG E 16 18.12 -22.12 14.93
CA ARG E 16 18.06 -21.47 16.23
C ARG E 16 19.13 -20.40 16.38
N ARG E 17 20.35 -20.68 15.96
CA ARG E 17 21.43 -19.71 16.14
C ARG E 17 21.14 -18.43 15.39
N TYR E 18 20.62 -18.52 14.17
CA TYR E 18 20.39 -17.31 13.40
C TYR E 18 19.05 -16.65 13.70
N GLN E 19 18.06 -17.38 14.23
CA GLN E 19 16.90 -16.64 14.70
C GLN E 19 17.15 -15.96 16.04
N LYS E 20 18.20 -16.31 16.77
CA LYS E 20 18.51 -15.51 17.95
C LYS E 20 19.37 -14.30 17.62
N SER E 21 20.26 -14.41 16.64
CA SER E 21 21.20 -13.35 16.30
C SER E 21 20.52 -12.23 15.52
N THR E 22 21.17 -11.08 15.50
CA THR E 22 20.66 -9.90 14.85
C THR E 22 21.60 -9.34 13.78
N GLU E 23 22.80 -9.90 13.65
CA GLU E 23 23.82 -9.38 12.76
C GLU E 23 23.51 -9.65 11.28
N LEU E 24 24.21 -8.90 10.42
CA LEU E 24 24.05 -9.01 8.97
C LEU E 24 24.71 -10.25 8.38
N LEU E 25 23.95 -11.00 7.60
CA LEU E 25 24.38 -12.30 7.10
C LEU E 25 25.15 -12.24 5.78
N ILE E 26 24.74 -11.36 4.86
CA ILE E 26 25.53 -11.04 3.68
C ILE E 26 26.78 -10.25 4.05
N ARG E 27 27.91 -10.60 3.44
CA ARG E 27 29.13 -9.85 3.67
C ARG E 27 29.00 -8.43 3.11
N LYS E 28 29.73 -7.50 3.73
CA LYS E 28 29.53 -6.08 3.42
C LYS E 28 30.08 -5.68 2.05
N LEU E 29 31.31 -6.08 1.75
CA LEU E 29 32.00 -5.59 0.55
C LEU E 29 31.48 -6.13 -0.77
N PRO E 30 31.15 -7.41 -0.90
CA PRO E 30 30.53 -7.85 -2.15
C PRO E 30 29.16 -7.26 -2.37
N PHE E 31 28.39 -7.04 -1.30
CA PHE E 31 27.14 -6.34 -1.46
C PHE E 31 27.35 -4.91 -1.93
N GLN E 32 28.34 -4.23 -1.37
CA GLN E 32 28.66 -2.88 -1.83
C GLN E 32 29.06 -2.85 -3.31
N ARG E 33 29.86 -3.82 -3.75
CA ARG E 33 30.20 -3.85 -5.17
C ARG E 33 28.99 -4.11 -6.04
N LEU E 34 28.08 -4.97 -5.60
CA LEU E 34 26.85 -5.20 -6.35
C LEU E 34 25.99 -3.95 -6.44
N VAL E 35 25.92 -3.19 -5.36
CA VAL E 35 25.10 -1.98 -5.38
C VAL E 35 25.70 -0.95 -6.33
N ARG E 36 27.02 -0.79 -6.31
CA ARG E 36 27.66 0.15 -7.24
C ARG E 36 27.52 -0.32 -8.68
N GLU E 37 27.57 -1.63 -8.89
CA GLU E 37 27.42 -2.17 -10.24
C GLU E 37 26.02 -1.92 -10.79
N ILE E 38 25.00 -2.14 -9.96
CA ILE E 38 23.62 -1.89 -10.41
C ILE E 38 23.39 -0.40 -10.61
N ALA E 39 23.96 0.44 -9.75
CA ALA E 39 23.77 1.89 -9.89
C ALA E 39 24.41 2.40 -11.17
N GLN E 40 25.60 1.89 -11.51
CA GLN E 40 26.29 2.24 -12.74
C GLN E 40 25.41 2.33 -14.00
N ASP E 41 24.43 1.45 -14.13
CA ASP E 41 23.51 1.44 -15.26
C ASP E 41 22.36 2.46 -15.14
N PHE E 42 22.43 3.39 -14.20
CA PHE E 42 21.47 4.49 -14.11
C PHE E 42 22.13 5.85 -14.24
N LYS E 43 23.28 6.05 -13.62
CA LYS E 43 24.05 7.27 -13.80
C LYS E 43 25.51 6.92 -13.57
N THR E 44 26.36 7.41 -14.46
CA THR E 44 27.79 7.27 -14.30
C THR E 44 28.33 8.16 -13.18
N ASP E 45 29.40 7.70 -12.54
CA ASP E 45 30.12 8.44 -11.53
C ASP E 45 29.22 8.83 -10.35
N LEU E 46 28.54 7.83 -9.78
CA LEU E 46 27.74 8.03 -8.58
C LEU E 46 28.56 7.73 -7.34
N ARG E 47 28.35 8.54 -6.32
CA ARG E 47 28.99 8.37 -5.02
C ARG E 47 27.92 7.90 -4.04
N PHE E 48 28.36 7.30 -2.94
CA PHE E 48 27.44 6.71 -1.98
C PHE E 48 27.92 6.98 -0.57
N GLN E 49 27.02 7.50 0.25
CA GLN E 49 27.28 7.53 1.67
C GLN E 49 27.30 6.10 2.19
N SER E 50 28.03 5.90 3.28
CA SER E 50 28.10 4.58 3.88
C SER E 50 26.74 4.14 4.40
N SER E 51 26.01 5.06 5.01
CA SER E 51 24.68 4.74 5.50
C SER E 51 23.70 4.41 4.39
N ALA E 52 23.91 4.88 3.17
CA ALA E 52 23.03 4.48 2.08
C ALA E 52 23.20 3.00 1.75
N VAL E 53 24.44 2.53 1.69
CA VAL E 53 24.66 1.11 1.40
C VAL E 53 24.24 0.25 2.59
N MET E 54 24.41 0.74 3.81
CA MET E 54 23.91 0.00 4.96
C MET E 54 22.38 -0.10 4.95
N ALA E 55 21.69 0.96 4.54
CA ALA E 55 20.23 0.91 4.46
C ALA E 55 19.77 -0.05 3.39
N LEU E 56 20.41 -0.03 2.23
CA LEU E 56 20.11 -1.02 1.20
C LEU E 56 20.31 -2.44 1.71
N GLN E 57 21.36 -2.69 2.47
CA GLN E 57 21.60 -4.05 2.93
C GLN E 57 20.58 -4.48 3.97
N GLU E 58 20.24 -3.59 4.91
CA GLU E 58 19.19 -3.89 5.88
C GLU E 58 17.88 -4.24 5.20
N ALA E 59 17.48 -3.45 4.21
CA ALA E 59 16.19 -3.71 3.57
C ALA E 59 16.24 -4.94 2.70
N SER E 60 17.38 -5.21 2.06
CA SER E 60 17.47 -6.37 1.20
C SER E 60 17.43 -7.66 2.01
N GLU E 61 18.16 -7.70 3.12
CA GLU E 61 18.10 -8.88 3.97
C GLU E 61 16.72 -9.06 4.61
N ALA E 62 16.06 -7.98 5.05
CA ALA E 62 14.70 -8.16 5.57
C ALA E 62 13.76 -8.71 4.51
N TYR E 63 13.90 -8.24 3.27
CA TYR E 63 13.06 -8.73 2.19
C TYR E 63 13.31 -10.20 1.89
N LEU E 64 14.57 -10.61 1.84
CA LEU E 64 14.83 -12.01 1.53
C LEU E 64 14.44 -12.93 2.68
N VAL E 65 14.47 -12.45 3.92
CA VAL E 65 14.05 -13.30 5.02
C VAL E 65 12.54 -13.48 5.05
N ALA E 66 11.78 -12.41 4.79
CA ALA E 66 10.34 -12.60 4.65
C ALA E 66 9.98 -13.46 3.45
N LEU E 67 10.77 -13.38 2.38
CA LEU E 67 10.52 -14.22 1.22
C LEU E 67 10.75 -15.70 1.54
N PHE E 68 11.84 -16.01 2.24
CA PHE E 68 12.05 -17.41 2.62
C PHE E 68 11.04 -17.90 3.64
N GLU E 69 10.46 -17.02 4.45
CA GLU E 69 9.40 -17.47 5.34
C GLU E 69 8.17 -17.89 4.55
N ASP E 70 7.78 -17.09 3.56
CA ASP E 70 6.63 -17.47 2.74
C ASP E 70 6.95 -18.68 1.88
N THR E 71 8.20 -18.83 1.44
CA THR E 71 8.60 -19.98 0.64
C THR E 71 8.54 -21.26 1.46
N ASN E 72 8.96 -21.19 2.73
CA ASN E 72 8.83 -22.35 3.60
C ASN E 72 7.37 -22.70 3.84
N LEU E 73 6.50 -21.70 3.94
CA LEU E 73 5.09 -22.07 4.07
C LEU E 73 4.54 -22.73 2.81
N CYS E 74 5.02 -22.33 1.63
CA CYS E 74 4.59 -23.02 0.41
C CYS E 74 5.11 -24.45 0.36
N ALA E 75 6.35 -24.67 0.79
CA ALA E 75 6.92 -26.01 0.80
C ALA E 75 6.13 -26.91 1.73
N ILE E 76 5.94 -26.48 2.98
CA ILE E 76 5.12 -27.25 3.91
C ILE E 76 3.75 -27.53 3.33
N HIS E 77 3.15 -26.55 2.66
CA HIS E 77 1.85 -26.79 2.02
C HIS E 77 1.92 -27.87 0.96
N ALA E 78 3.05 -28.01 0.27
CA ALA E 78 3.16 -29.04 -0.76
C ALA E 78 3.65 -30.37 -0.21
N LYS E 79 3.48 -30.62 1.08
CA LYS E 79 3.90 -31.88 1.71
C LYS E 79 5.38 -32.15 1.52
N ARG E 80 6.20 -31.11 1.57
CA ARG E 80 7.64 -31.24 1.40
C ARG E 80 8.35 -30.46 2.48
N VAL E 81 9.61 -30.84 2.72
CA VAL E 81 10.48 -30.08 3.61
C VAL E 81 11.59 -29.38 2.83
N THR E 82 11.56 -29.44 1.51
CA THR E 82 12.59 -28.86 0.67
C THR E 82 12.00 -27.68 -0.08
N ILE E 83 12.60 -26.51 0.05
CA ILE E 83 12.13 -25.37 -0.73
C ILE E 83 12.64 -25.51 -2.15
N MET E 84 11.85 -25.04 -3.10
CA MET E 84 12.10 -25.21 -4.52
C MET E 84 11.84 -23.89 -5.22
N PRO E 85 12.36 -23.69 -6.42
CA PRO E 85 12.01 -22.48 -7.19
C PRO E 85 10.54 -22.39 -7.57
N LYS E 86 9.86 -23.53 -7.69
CA LYS E 86 8.40 -23.54 -7.68
C LYS E 86 7.85 -22.74 -6.52
N ASP E 87 8.40 -22.95 -5.32
CA ASP E 87 7.87 -22.30 -4.13
C ASP E 87 8.15 -20.81 -4.11
N ILE E 88 9.34 -20.39 -4.54
CA ILE E 88 9.64 -18.97 -4.60
C ILE E 88 8.74 -18.28 -5.61
N GLN E 89 8.52 -18.92 -6.76
CA GLN E 89 7.67 -18.30 -7.77
C GLN E 89 6.22 -18.24 -7.31
N LEU E 90 5.73 -19.28 -6.66
CA LEU E 90 4.39 -19.21 -6.06
C LEU E 90 4.27 -18.10 -5.04
N ALA E 91 5.28 -17.97 -4.17
CA ALA E 91 5.24 -16.92 -3.15
C ALA E 91 5.16 -15.55 -3.78
N ARG E 92 6.05 -15.26 -4.73
CA ARG E 92 6.02 -13.94 -5.37
C ARG E 92 4.74 -13.73 -6.17
N ARG E 93 4.17 -14.79 -6.76
CA ARG E 93 2.93 -14.64 -7.50
C ARG E 93 1.76 -14.31 -6.58
N ILE E 94 1.62 -15.03 -5.47
CA ILE E 94 0.55 -14.78 -4.52
C ILE E 94 0.73 -13.44 -3.83
N ARG E 95 1.98 -13.03 -3.64
CA ARG E 95 2.30 -11.75 -3.04
C ARG E 95 2.07 -10.58 -3.99
N GLY E 96 2.01 -10.82 -5.29
CA GLY E 96 1.66 -9.78 -6.23
C GLY E 96 2.83 -9.13 -6.93
N GLU E 97 3.98 -9.80 -6.97
CA GLU E 97 5.19 -9.24 -7.54
C GLU E 97 5.46 -9.85 -8.91
N ASP F 1 29.21 -11.73 -12.52
CA ASP F 1 29.82 -10.42 -12.40
C ASP F 1 29.30 -9.70 -11.17
N ASN F 2 29.93 -10.00 -10.03
CA ASN F 2 29.64 -9.45 -8.71
C ASN F 2 28.29 -9.88 -8.17
N ILE F 3 27.47 -10.56 -8.98
CA ILE F 3 26.24 -11.12 -8.47
C ILE F 3 26.59 -12.44 -7.79
N GLN F 4 27.71 -13.05 -8.19
CA GLN F 4 28.25 -14.23 -7.55
C GLN F 4 28.88 -13.92 -6.20
N GLY F 5 29.12 -12.65 -5.90
CA GLY F 5 29.55 -12.30 -4.56
C GLY F 5 28.50 -12.59 -3.51
N ILE F 6 27.25 -12.71 -3.91
CA ILE F 6 26.22 -13.23 -3.01
C ILE F 6 26.36 -14.74 -2.95
N THR F 7 27.13 -15.23 -1.99
CA THR F 7 27.59 -16.61 -1.98
C THR F 7 26.51 -17.58 -1.52
N LYS F 8 26.77 -18.85 -1.78
CA LYS F 8 25.90 -19.93 -1.33
C LYS F 8 25.75 -20.01 0.19
N PRO F 9 26.80 -19.87 1.00
CA PRO F 9 26.58 -19.80 2.45
C PRO F 9 25.75 -18.61 2.90
N ALA F 10 25.82 -17.48 2.20
CA ALA F 10 25.05 -16.33 2.65
C ALA F 10 23.56 -16.54 2.40
N ILE F 11 23.21 -17.10 1.25
CA ILE F 11 21.82 -17.47 1.01
C ILE F 11 21.37 -18.56 1.96
N ARG F 12 22.26 -19.46 2.35
CA ARG F 12 21.86 -20.47 3.31
C ARG F 12 21.60 -19.85 4.68
N ARG F 13 22.41 -18.89 5.09
CA ARG F 13 22.15 -18.20 6.36
C ARG F 13 20.84 -17.43 6.33
N LEU F 14 20.58 -16.71 5.24
CA LEU F 14 19.29 -16.04 5.10
C LEU F 14 18.13 -17.02 5.18
N ALA F 15 18.24 -18.17 4.52
CA ALA F 15 17.19 -19.18 4.61
C ALA F 15 17.04 -19.71 6.03
N ARG F 16 18.13 -19.85 6.76
CA ARG F 16 18.05 -20.28 8.15
C ARG F 16 17.32 -19.25 8.99
N ARG F 17 17.57 -17.96 8.75
CA ARG F 17 16.81 -16.94 9.46
C ARG F 17 15.33 -17.00 9.11
N GLY F 18 14.99 -17.38 7.89
CA GLY F 18 13.60 -17.60 7.55
C GLY F 18 13.00 -18.88 8.07
N GLY F 19 13.81 -19.75 8.65
CA GLY F 19 13.30 -20.98 9.23
C GLY F 19 13.32 -22.17 8.31
N VAL F 20 14.06 -22.12 7.20
CA VAL F 20 14.05 -23.21 6.22
C VAL F 20 15.00 -24.30 6.69
N LYS F 21 14.52 -25.54 6.71
CA LYS F 21 15.33 -26.67 7.12
C LYS F 21 16.17 -27.24 5.99
N ARG F 22 15.58 -27.47 4.81
CA ARG F 22 16.27 -28.12 3.72
C ARG F 22 16.11 -27.28 2.45
N ILE F 23 17.19 -27.15 1.69
CA ILE F 23 17.29 -26.21 0.57
C ILE F 23 17.70 -26.95 -0.69
N SER F 24 16.89 -26.88 -1.73
CA SER F 24 17.32 -27.51 -2.97
C SER F 24 18.39 -26.66 -3.65
N GLY F 25 19.04 -27.25 -4.65
CA GLY F 25 20.19 -26.61 -5.29
C GLY F 25 19.89 -25.49 -6.25
N LEU F 26 18.74 -25.52 -6.91
CA LEU F 26 18.35 -24.47 -7.84
C LEU F 26 17.85 -23.20 -7.17
N ILE F 27 17.70 -23.21 -5.85
CA ILE F 27 17.31 -22.00 -5.13
C ILE F 27 18.30 -20.87 -5.34
N TYR F 28 19.60 -21.18 -5.30
CA TYR F 28 20.58 -20.12 -5.15
C TYR F 28 20.57 -19.17 -6.34
N GLU F 29 20.52 -19.71 -7.56
CA GLU F 29 20.44 -18.82 -8.71
C GLU F 29 19.13 -18.06 -8.72
N GLU F 30 18.03 -18.73 -8.39
CA GLU F 30 16.76 -18.03 -8.33
C GLU F 30 16.84 -16.88 -7.34
N THR F 31 17.50 -17.09 -6.20
CA THR F 31 17.55 -16.03 -5.21
C THR F 31 18.41 -14.87 -5.69
N ARG F 32 19.55 -15.17 -6.31
CA ARG F 32 20.33 -14.12 -6.94
C ARG F 32 19.49 -13.32 -7.92
N GLY F 33 18.62 -13.98 -8.67
CA GLY F 33 17.76 -13.22 -9.56
C GLY F 33 16.82 -12.28 -8.83
N VAL F 34 16.15 -12.79 -7.79
CA VAL F 34 15.15 -11.96 -7.10
C VAL F 34 15.79 -10.77 -6.40
N LEU F 35 16.91 -10.99 -5.71
CA LEU F 35 17.61 -9.87 -5.10
C LEU F 35 18.06 -8.86 -6.12
N LYS F 36 18.51 -9.32 -7.29
CA LYS F 36 18.93 -8.38 -8.31
C LYS F 36 17.77 -7.52 -8.76
N VAL F 37 16.58 -8.08 -8.84
CA VAL F 37 15.45 -7.28 -9.28
C VAL F 37 15.04 -6.30 -8.19
N PHE F 38 15.08 -6.72 -6.94
CA PHE F 38 14.74 -5.80 -5.84
C PHE F 38 15.64 -4.58 -5.79
N LEU F 39 16.94 -4.78 -5.81
CA LEU F 39 17.83 -3.63 -5.79
C LEU F 39 17.66 -2.76 -7.01
N GLU F 40 17.34 -3.35 -8.16
CA GLU F 40 17.07 -2.54 -9.34
C GLU F 40 15.94 -1.57 -9.08
N ASN F 41 14.83 -2.05 -8.56
CA ASN F 41 13.72 -1.14 -8.29
C ASN F 41 14.11 -0.07 -7.29
N VAL F 42 14.78 -0.44 -6.20
CA VAL F 42 15.06 0.53 -5.14
C VAL F 42 16.09 1.57 -5.57
N ILE F 43 17.21 1.12 -6.13
CA ILE F 43 18.25 2.06 -6.52
C ILE F 43 17.81 2.98 -7.64
N ARG F 44 16.96 2.52 -8.54
CA ARG F 44 16.44 3.42 -9.55
C ARG F 44 15.74 4.60 -8.90
N ASP F 45 14.87 4.33 -7.94
CA ASP F 45 14.18 5.44 -7.29
C ASP F 45 15.16 6.32 -6.53
N ALA F 46 16.10 5.72 -5.83
CA ALA F 46 17.04 6.53 -5.08
C ALA F 46 17.85 7.41 -6.00
N VAL F 47 18.26 6.87 -7.15
CA VAL F 47 19.01 7.69 -8.09
C VAL F 47 18.15 8.82 -8.62
N THR F 48 16.89 8.54 -8.91
CA THR F 48 15.98 9.62 -9.28
C THR F 48 15.97 10.75 -8.25
N TYR F 49 15.86 10.42 -6.96
CA TYR F 49 15.89 11.51 -5.99
C TYR F 49 17.20 12.26 -6.00
N THR F 50 18.30 11.56 -6.24
CA THR F 50 19.58 12.25 -6.34
C THR F 50 19.60 13.15 -7.56
N GLU F 51 19.16 12.64 -8.70
CA GLU F 51 19.01 13.50 -9.87
C GLU F 51 18.22 14.75 -9.55
N HIS F 52 17.12 14.64 -8.81
CA HIS F 52 16.33 15.85 -8.57
C HIS F 52 17.00 16.80 -7.60
N ALA F 53 17.85 16.32 -6.72
CA ALA F 53 18.53 17.23 -5.82
C ALA F 53 19.76 17.86 -6.43
N LYS F 54 20.05 17.58 -7.71
CA LYS F 54 21.20 18.14 -8.40
C LYS F 54 22.51 17.79 -7.69
N ARG F 55 22.56 16.60 -7.10
CA ARG F 55 23.72 16.14 -6.35
C ARG F 55 24.37 14.95 -7.03
N LYS F 56 25.53 14.57 -6.51
CA LYS F 56 26.27 13.43 -7.01
C LYS F 56 26.46 12.33 -5.99
N THR F 57 26.10 12.55 -4.74
CA THR F 57 26.19 11.54 -3.68
C THR F 57 24.81 11.05 -3.29
N VAL F 58 24.61 9.75 -3.33
CA VAL F 58 23.32 9.17 -2.95
C VAL F 58 23.32 9.08 -1.43
N THR F 59 22.50 9.89 -0.78
CA THR F 59 22.40 9.88 0.68
C THR F 59 21.53 8.73 1.15
N ALA F 60 21.57 8.51 2.47
CA ALA F 60 20.70 7.49 3.07
C ALA F 60 19.25 7.93 3.06
N MET F 61 19.01 9.23 3.16
CA MET F 61 17.65 9.74 3.06
C MET F 61 17.03 9.40 1.72
N ASP F 62 17.83 9.37 0.65
CA ASP F 62 17.29 8.99 -0.64
C ASP F 62 16.82 7.55 -0.63
N VAL F 63 17.60 6.65 -0.04
CA VAL F 63 17.20 5.26 0.03
C VAL F 63 16.01 5.06 0.95
N VAL F 64 15.92 5.83 2.02
CA VAL F 64 14.77 5.76 2.91
C VAL F 64 13.51 6.22 2.19
N TYR F 65 13.56 7.37 1.53
CA TYR F 65 12.42 7.85 0.75
C TYR F 65 12.02 6.85 -0.33
N ALA F 66 13.00 6.19 -0.94
CA ALA F 66 12.69 5.25 -2.01
C ALA F 66 11.99 4.01 -1.45
N LEU F 67 12.58 3.37 -0.45
CA LEU F 67 11.90 2.24 0.20
C LEU F 67 10.53 2.61 0.74
N LYS F 68 10.38 3.81 1.28
CA LYS F 68 9.06 4.24 1.77
C LYS F 68 8.05 4.39 0.64
N ARG F 69 8.47 4.95 -0.49
CA ARG F 69 7.56 5.04 -1.63
C ARG F 69 7.07 3.68 -2.08
N GLN F 70 7.95 2.67 -2.04
CA GLN F 70 7.60 1.32 -2.45
C GLN F 70 6.88 0.53 -1.36
N GLY F 71 6.44 1.18 -0.29
CA GLY F 71 5.70 0.48 0.73
C GLY F 71 6.52 -0.39 1.66
N ARG F 72 7.82 -0.14 1.80
CA ARG F 72 8.66 -0.87 2.74
C ARG F 72 9.41 0.13 3.61
N THR F 73 8.75 0.62 4.65
CA THR F 73 9.30 1.70 5.45
C THR F 73 10.42 1.18 6.34
N LEU F 74 11.58 1.81 6.27
CA LEU F 74 12.75 1.39 7.02
C LEU F 74 13.01 2.36 8.16
N TYR F 75 13.05 1.87 9.39
CA TYR F 75 13.36 2.72 10.54
C TYR F 75 14.83 2.59 10.91
N GLY F 76 15.35 3.66 11.49
CA GLY F 76 16.69 3.67 12.03
C GLY F 76 17.75 4.38 11.21
N PHE F 77 17.38 5.11 10.17
CA PHE F 77 18.35 5.80 9.34
C PHE F 77 17.97 7.26 9.11
N GLY F 78 17.13 7.81 9.96
CA GLY F 78 16.69 9.18 9.81
C GLY F 78 15.29 9.25 9.25
N GLY F 79 14.89 10.46 8.90
CA GLY F 79 13.56 10.68 8.36
C GLY F 79 12.50 10.65 9.44
N ALA G 2 -8.03 36.75 -25.62
CA ALA G 2 -8.76 35.75 -24.85
C ALA G 2 -8.42 34.36 -25.34
N LYS G 3 -7.17 34.17 -25.74
CA LYS G 3 -6.70 32.86 -26.18
C LYS G 3 -6.42 32.01 -24.94
N THR G 4 -7.12 30.88 -24.82
CA THR G 4 -6.92 30.04 -23.64
C THR G 4 -5.57 29.34 -23.67
N ARG G 5 -5.09 28.99 -22.47
CA ARG G 5 -3.79 28.35 -22.35
C ARG G 5 -3.77 26.93 -22.88
N SER G 6 -4.91 26.24 -22.93
CA SER G 6 -4.97 24.94 -23.58
C SER G 6 -4.61 25.05 -25.06
N SER G 7 -5.28 25.93 -25.80
CA SER G 7 -4.94 26.11 -27.21
C SER G 7 -3.55 26.68 -27.40
N ARG G 8 -3.10 27.54 -26.49
CA ARG G 8 -1.75 28.07 -26.61
C ARG G 8 -0.70 26.96 -26.52
N ALA G 9 -0.95 25.97 -25.67
CA ALA G 9 -0.03 24.85 -25.57
C ALA G 9 -0.31 23.72 -26.56
N GLY G 10 -1.35 23.83 -27.38
CA GLY G 10 -1.65 22.72 -28.25
C GLY G 10 -2.20 21.49 -27.56
N LEU G 11 -2.99 21.67 -26.52
CA LEU G 11 -3.48 20.55 -25.72
C LEU G 11 -5.00 20.54 -25.74
N GLN G 12 -5.57 19.56 -25.07
CA GLN G 12 -7.02 19.45 -24.96
C GLN G 12 -7.49 19.59 -23.52
N PHE G 13 -6.76 19.02 -22.57
CA PHE G 13 -7.14 19.14 -21.17
C PHE G 13 -6.94 20.57 -20.66
N PRO G 14 -7.81 21.05 -19.78
CA PRO G 14 -7.78 22.47 -19.41
C PRO G 14 -6.59 22.79 -18.52
N VAL G 15 -5.78 23.75 -18.94
CA VAL G 15 -4.66 24.17 -18.11
C VAL G 15 -5.12 25.06 -16.96
N GLY G 16 -6.25 25.75 -17.12
CA GLY G 16 -6.74 26.60 -16.06
C GLY G 16 -7.32 25.81 -14.90
N ARG G 17 -8.08 24.75 -15.21
CA ARG G 17 -8.66 23.94 -14.16
C ARG G 17 -7.60 23.14 -13.43
N VAL G 18 -6.63 22.58 -14.17
CA VAL G 18 -5.50 21.93 -13.53
C VAL G 18 -4.75 22.91 -12.63
N HIS G 19 -4.57 24.14 -13.09
CA HIS G 19 -3.82 25.10 -12.28
C HIS G 19 -4.57 25.46 -11.01
N ARG G 20 -5.88 25.66 -11.09
CA ARG G 20 -6.63 25.98 -9.89
C ARG G 20 -6.88 24.77 -9.00
N LEU G 21 -6.73 23.56 -9.51
CA LEU G 21 -6.75 22.41 -8.62
C LEU G 21 -5.41 22.19 -7.94
N LEU G 22 -4.32 22.58 -8.58
CA LEU G 22 -3.03 22.56 -7.91
C LEU G 22 -2.93 23.66 -6.87
N ARG G 23 -3.63 24.78 -7.08
CA ARG G 23 -3.65 25.84 -6.07
C ARG G 23 -4.56 25.49 -4.90
N LYS G 24 -5.79 25.07 -5.16
CA LYS G 24 -6.72 24.80 -4.06
C LYS G 24 -6.35 23.53 -3.29
N GLY G 25 -5.68 22.58 -3.91
CA GLY G 25 -5.45 21.31 -3.28
C GLY G 25 -4.44 21.28 -2.14
N ASN G 26 -3.82 22.41 -1.81
CA ASN G 26 -2.90 22.49 -0.67
C ASN G 26 -1.74 21.50 -0.82
N TYR G 27 -0.98 21.70 -1.88
CA TYR G 27 0.19 20.89 -2.16
C TYR G 27 1.49 21.63 -1.87
N ALA G 28 1.53 22.91 -2.19
CA ALA G 28 2.66 23.76 -1.84
C ALA G 28 2.14 25.18 -1.72
N GLU G 29 3.03 26.06 -1.28
CA GLU G 29 2.69 27.48 -1.19
C GLU G 29 2.63 28.13 -2.57
N ARG G 30 3.66 27.92 -3.38
CA ARG G 30 3.77 28.48 -4.72
C ARG G 30 3.61 27.40 -5.78
N VAL G 31 2.91 27.74 -6.87
CA VAL G 31 2.72 26.85 -8.00
C VAL G 31 3.07 27.62 -9.27
N GLY G 32 4.01 27.09 -10.05
CA GLY G 32 4.51 27.79 -11.22
C GLY G 32 3.54 27.84 -12.38
N ALA G 33 4.03 28.06 -13.60
CA ALA G 33 3.19 27.95 -14.78
C ALA G 33 3.51 26.75 -15.65
N GLY G 34 4.76 26.36 -15.72
CA GLY G 34 5.13 25.13 -16.40
C GLY G 34 4.53 23.88 -15.78
N ALA G 35 4.25 23.93 -14.49
CA ALA G 35 3.67 22.77 -13.82
C ALA G 35 2.27 22.36 -14.28
N PRO G 36 1.26 23.22 -14.32
CA PRO G 36 -0.03 22.74 -14.83
C PRO G 36 -0.06 22.46 -16.31
N VAL G 37 0.75 23.13 -17.10
CA VAL G 37 0.85 22.79 -18.52
C VAL G 37 1.41 21.40 -18.71
N TYR G 38 2.55 21.13 -18.08
CA TYR G 38 3.17 19.82 -18.14
C TYR G 38 2.23 18.74 -17.61
N LEU G 39 1.51 19.03 -16.54
CA LEU G 39 0.67 17.99 -15.95
C LEU G 39 -0.54 17.71 -16.81
N ALA G 40 -1.12 18.74 -17.43
CA ALA G 40 -2.19 18.51 -18.40
C ALA G 40 -1.70 17.72 -19.60
N ALA G 41 -0.46 17.94 -20.02
CA ALA G 41 0.10 17.16 -21.13
C ALA G 41 0.21 15.69 -20.75
N VAL G 42 0.76 15.41 -19.57
CA VAL G 42 0.88 14.03 -19.11
C VAL G 42 -0.49 13.35 -19.02
N LEU G 43 -1.47 14.04 -18.43
CA LEU G 43 -2.79 13.44 -18.29
C LEU G 43 -3.43 13.18 -19.65
N GLU G 44 -3.27 14.11 -20.58
CA GLU G 44 -3.78 13.88 -21.93
C GLU G 44 -3.11 12.68 -22.58
N TYR G 45 -1.81 12.49 -22.36
CA TYR G 45 -1.17 11.32 -22.96
C TYR G 45 -1.68 10.02 -22.39
N LEU G 46 -1.90 9.96 -21.08
CA LEU G 46 -2.38 8.70 -20.52
C LEU G 46 -3.82 8.41 -20.95
N THR G 47 -4.66 9.44 -21.00
CA THR G 47 -6.01 9.24 -21.50
C THR G 47 -6.01 8.81 -22.96
N ALA G 48 -5.13 9.39 -23.76
CA ALA G 48 -5.02 9.00 -25.17
C ALA G 48 -4.64 7.54 -25.31
N GLU G 49 -3.59 7.12 -24.63
CA GLU G 49 -3.15 5.72 -24.74
C GLU G 49 -4.23 4.73 -24.30
N ILE G 50 -4.91 5.02 -23.19
CA ILE G 50 -5.91 4.06 -22.72
C ILE G 50 -7.15 4.04 -23.62
N LEU G 51 -7.62 5.20 -24.07
CA LEU G 51 -8.77 5.18 -24.97
C LEU G 51 -8.42 4.58 -26.33
N GLU G 52 -7.17 4.68 -26.75
CA GLU G 52 -6.76 3.99 -27.97
C GLU G 52 -6.87 2.47 -27.83
N LEU G 53 -6.20 1.92 -26.81
CA LEU G 53 -6.32 0.48 -26.58
C LEU G 53 -7.76 0.03 -26.34
N ALA G 54 -8.60 0.88 -25.77
CA ALA G 54 -9.97 0.49 -25.53
C ALA G 54 -10.82 0.52 -26.79
N GLY G 55 -10.62 1.50 -27.66
CA GLY G 55 -11.25 1.45 -28.97
C GLY G 55 -10.81 0.26 -29.81
N ASN G 56 -9.53 -0.13 -29.69
CA ASN G 56 -9.10 -1.34 -30.37
C ASN G 56 -9.83 -2.58 -29.86
N ALA G 57 -9.93 -2.71 -28.53
CA ALA G 57 -10.65 -3.87 -27.99
C ALA G 57 -12.15 -3.80 -28.27
N ALA G 58 -12.71 -2.62 -28.46
CA ALA G 58 -14.10 -2.53 -28.90
C ALA G 58 -14.26 -2.97 -30.34
N ARG G 59 -13.29 -2.62 -31.20
CA ARG G 59 -13.31 -3.07 -32.59
C ARG G 59 -13.21 -4.58 -32.68
N ASP G 60 -12.29 -5.18 -31.93
CA ASP G 60 -12.19 -6.64 -31.89
C ASP G 60 -13.51 -7.30 -31.49
N ASN G 61 -14.30 -6.66 -30.65
CA ASN G 61 -15.60 -7.18 -30.26
C ASN G 61 -16.72 -6.72 -31.18
N LYS G 62 -16.38 -6.07 -32.30
CA LYS G 62 -17.35 -5.62 -33.30
C LYS G 62 -18.39 -4.66 -32.73
N LYS G 63 -17.94 -3.72 -31.91
CA LYS G 63 -18.81 -2.72 -31.31
C LYS G 63 -18.19 -1.34 -31.49
N THR G 64 -19.05 -0.32 -31.56
CA THR G 64 -18.57 1.05 -31.72
C THR G 64 -18.81 1.91 -30.48
N ARG G 65 -19.08 1.30 -29.33
CA ARG G 65 -19.25 2.06 -28.10
C ARG G 65 -18.43 1.41 -27.00
N ILE G 66 -17.53 2.17 -26.40
CA ILE G 66 -16.66 1.61 -25.37
C ILE G 66 -17.43 1.42 -24.08
N ILE G 67 -17.46 0.19 -23.57
CA ILE G 67 -18.14 -0.18 -22.34
C ILE G 67 -17.06 -0.38 -21.28
N PRO G 68 -17.41 -0.50 -20.00
CA PRO G 68 -16.41 -0.90 -19.00
C PRO G 68 -15.60 -2.14 -19.33
N ARG G 69 -16.24 -3.21 -19.81
CA ARG G 69 -15.52 -4.41 -20.22
C ARG G 69 -14.37 -4.13 -21.17
N HIS G 70 -14.53 -3.13 -22.05
CA HIS G 70 -13.50 -2.83 -23.01
C HIS G 70 -12.31 -2.13 -22.36
N LEU G 71 -12.59 -1.25 -21.40
CA LEU G 71 -11.51 -0.67 -20.60
C LEU G 71 -10.78 -1.74 -19.80
N GLN G 72 -11.52 -2.67 -19.20
CA GLN G 72 -10.90 -3.78 -18.49
C GLN G 72 -9.92 -4.55 -19.37
N LEU G 73 -10.37 -4.96 -20.56
CA LEU G 73 -9.48 -5.69 -21.45
C LEU G 73 -8.31 -4.84 -21.92
N ALA G 74 -8.56 -3.55 -22.17
CA ALA G 74 -7.53 -2.65 -22.65
C ALA G 74 -6.43 -2.49 -21.62
N VAL G 75 -6.79 -2.47 -20.35
CA VAL G 75 -5.81 -2.28 -19.29
C VAL G 75 -5.11 -3.59 -18.97
N ARG G 76 -5.85 -4.68 -18.86
CA ARG G 76 -5.22 -5.90 -18.39
C ARG G 76 -4.44 -6.64 -19.47
N ASN G 77 -4.69 -6.34 -20.75
CA ASN G 77 -3.83 -6.94 -21.77
C ASN G 77 -2.57 -6.13 -22.05
N ASP G 78 -2.50 -4.87 -21.63
CA ASP G 78 -1.25 -4.13 -21.69
C ASP G 78 -0.47 -4.33 -20.39
N GLU G 79 0.84 -4.46 -20.50
CA GLU G 79 1.65 -4.73 -19.32
C GLU G 79 1.85 -3.49 -18.46
N GLU G 80 2.16 -2.34 -19.07
CA GLU G 80 2.47 -1.17 -18.28
C GLU G 80 1.24 -0.50 -17.68
N LEU G 81 0.10 -0.58 -18.36
CA LEU G 81 -1.12 -0.12 -17.72
C LEU G 81 -1.58 -1.04 -16.62
N ASN G 82 -1.25 -2.33 -16.71
CA ASN G 82 -1.54 -3.22 -15.60
C ASN G 82 -0.65 -2.92 -14.40
N LYS G 83 0.62 -2.63 -14.65
CA LYS G 83 1.49 -2.20 -13.55
C LYS G 83 1.02 -0.88 -12.94
N LEU G 84 0.51 0.02 -13.77
CA LEU G 84 0.01 1.30 -13.28
C LEU G 84 -1.25 1.13 -12.45
N LEU G 85 -2.16 0.24 -12.86
CA LEU G 85 -3.47 0.08 -12.26
C LEU G 85 -3.62 -1.33 -11.70
N GLY G 86 -2.55 -1.85 -11.11
CA GLY G 86 -2.60 -3.15 -10.45
C GLY G 86 -3.47 -3.21 -9.21
N ARG G 87 -3.51 -2.13 -8.43
CA ARG G 87 -4.30 -2.07 -7.21
C ARG G 87 -5.64 -1.38 -7.39
N VAL G 88 -6.22 -1.44 -8.59
CA VAL G 88 -7.44 -0.71 -8.92
C VAL G 88 -8.48 -1.68 -9.47
N THR G 89 -9.68 -1.63 -8.88
CA THR G 89 -10.79 -2.43 -9.37
C THR G 89 -11.61 -1.58 -10.32
N ILE G 90 -11.86 -2.09 -11.53
CA ILE G 90 -12.76 -1.45 -12.48
C ILE G 90 -14.10 -2.17 -12.42
N ALA G 91 -15.15 -1.41 -12.10
CA ALA G 91 -16.47 -2.00 -11.93
C ALA G 91 -17.06 -2.40 -13.28
N GLN G 92 -17.93 -3.41 -13.25
CA GLN G 92 -18.55 -3.94 -14.46
C GLN G 92 -17.55 -4.43 -15.49
N GLY G 93 -16.39 -4.93 -15.06
CA GLY G 93 -15.37 -5.30 -16.01
C GLY G 93 -15.10 -6.80 -16.10
N GLY G 94 -15.27 -7.50 -15.00
CA GLY G 94 -14.98 -8.92 -14.94
C GLY G 94 -13.48 -9.21 -14.96
N VAL G 95 -13.13 -10.37 -15.48
CA VAL G 95 -11.73 -10.76 -15.57
C VAL G 95 -11.40 -11.21 -16.99
N LEU G 96 -10.11 -11.51 -17.20
CA LEU G 96 -9.64 -12.03 -18.46
C LEU G 96 -10.07 -13.49 -18.61
N PRO G 97 -10.28 -13.94 -19.82
CA PRO G 97 -10.57 -15.37 -20.01
C PRO G 97 -9.36 -16.27 -19.79
N ASN G 98 -9.05 -16.56 -18.53
CA ASN G 98 -7.88 -17.34 -18.15
C ASN G 98 -8.31 -18.68 -17.54
N ILE G 99 -7.89 -19.77 -18.17
CA ILE G 99 -8.13 -21.13 -17.70
C ILE G 99 -6.78 -21.80 -17.54
N GLN G 100 -6.53 -22.38 -16.37
CA GLN G 100 -5.24 -23.01 -16.14
C GLN G 100 -5.09 -24.27 -16.99
N SER G 101 -3.83 -24.63 -17.24
CA SER G 101 -3.48 -25.71 -18.16
C SER G 101 -3.72 -27.09 -17.56
N VAL G 102 -3.56 -27.22 -16.24
CA VAL G 102 -3.69 -28.52 -15.61
C VAL G 102 -5.16 -28.91 -15.49
N LEU G 103 -6.09 -27.94 -15.58
CA LEU G 103 -7.51 -28.28 -15.50
C LEU G 103 -8.07 -28.80 -16.82
N LEU G 104 -7.41 -28.56 -17.94
CA LEU G 104 -7.88 -29.07 -19.20
C LEU G 104 -7.67 -30.57 -19.28
N PRO G 105 -8.55 -31.29 -19.96
CA PRO G 105 -8.36 -32.72 -20.17
C PRO G 105 -7.23 -33.03 -21.15
N LYS H 1 -28.41 22.06 -7.61
CA LYS H 1 -28.15 22.59 -8.95
C LYS H 1 -26.73 23.16 -9.03
N THR H 2 -25.88 22.76 -8.09
CA THR H 2 -24.48 23.16 -8.09
C THR H 2 -23.73 22.46 -9.20
N ARG H 3 -23.02 23.23 -10.02
CA ARG H 3 -22.34 22.65 -11.17
C ARG H 3 -21.19 21.78 -10.68
N LYS H 4 -21.34 20.47 -10.87
CA LYS H 4 -20.31 19.49 -10.59
C LYS H 4 -19.31 19.42 -11.74
N GLU H 5 -18.04 19.74 -11.46
CA GLU H 5 -17.07 19.77 -12.52
C GLU H 5 -16.71 18.35 -12.96
N SER H 6 -16.18 18.22 -14.16
CA SER H 6 -15.87 16.89 -14.68
C SER H 6 -14.84 17.03 -15.79
N TYR H 7 -14.30 15.88 -16.21
CA TYR H 7 -13.41 15.81 -17.37
C TYR H 7 -14.08 15.17 -18.56
N ALA H 8 -15.41 15.20 -18.64
CA ALA H 8 -16.12 14.36 -19.59
C ALA H 8 -15.93 14.84 -21.02
N ILE H 9 -16.11 16.14 -21.24
CA ILE H 9 -15.94 16.69 -22.58
C ILE H 9 -14.50 16.60 -23.05
N TYR H 10 -13.54 16.65 -22.13
CA TYR H 10 -12.15 16.58 -22.57
C TYR H 10 -11.76 15.15 -22.96
N VAL H 11 -12.28 14.17 -22.23
CA VAL H 11 -12.12 12.78 -22.60
C VAL H 11 -12.79 12.50 -23.93
N TYR H 12 -13.97 13.08 -24.14
CA TYR H 12 -14.65 12.90 -25.41
C TYR H 12 -13.88 13.53 -26.56
N LYS H 13 -13.28 14.70 -26.33
CA LYS H 13 -12.46 15.32 -27.37
C LYS H 13 -11.26 14.46 -27.72
N VAL H 14 -10.59 13.89 -26.71
CA VAL H 14 -9.43 13.06 -27.02
C VAL H 14 -9.85 11.74 -27.66
N LEU H 15 -11.05 11.27 -27.35
CA LEU H 15 -11.55 10.04 -27.98
C LEU H 15 -11.85 10.26 -29.45
N LYS H 16 -12.51 11.37 -29.78
CA LYS H 16 -12.70 11.70 -31.18
C LYS H 16 -11.38 11.93 -31.90
N GLN H 17 -10.39 12.51 -31.23
CA GLN H 17 -9.09 12.62 -31.88
C GLN H 17 -8.30 11.33 -32.00
N VAL H 18 -8.68 10.25 -31.33
CA VAL H 18 -7.99 8.98 -31.53
C VAL H 18 -8.85 7.90 -32.18
N HIS H 19 -10.17 8.00 -32.10
CA HIS H 19 -11.08 7.08 -32.80
C HIS H 19 -12.30 7.91 -33.20
N PRO H 20 -12.38 8.35 -34.44
CA PRO H 20 -13.47 9.25 -34.84
C PRO H 20 -14.84 8.63 -34.89
N ASP H 21 -14.95 7.30 -34.97
CA ASP H 21 -16.25 6.66 -35.09
C ASP H 21 -16.76 5.96 -33.84
N THR H 22 -15.94 5.82 -32.79
CA THR H 22 -16.34 5.09 -31.59
C THR H 22 -16.83 6.06 -30.52
N GLY H 23 -18.02 5.80 -30.00
CA GLY H 23 -18.57 6.57 -28.91
C GLY H 23 -18.23 5.93 -27.58
N ILE H 24 -18.91 6.37 -26.53
CA ILE H 24 -18.59 5.89 -25.21
C ILE H 24 -19.81 6.03 -24.33
N SER H 25 -20.03 5.03 -23.48
CA SER H 25 -21.15 5.05 -22.55
C SER H 25 -20.82 5.93 -21.35
N SER H 26 -21.85 6.16 -20.53
CA SER H 26 -21.68 7.02 -19.37
C SER H 26 -20.96 6.33 -18.21
N LYS H 27 -21.09 5.01 -18.10
CA LYS H 27 -20.33 4.31 -17.07
C LYS H 27 -18.85 4.29 -17.39
N ALA H 28 -18.49 4.06 -18.64
CA ALA H 28 -17.08 4.17 -19.01
C ALA H 28 -16.58 5.60 -18.90
N MET H 29 -17.46 6.59 -19.10
CA MET H 29 -17.06 7.96 -18.85
C MET H 29 -16.79 8.21 -17.38
N SER H 30 -17.59 7.62 -16.49
CA SER H 30 -17.32 7.72 -15.06
C SER H 30 -15.99 7.06 -14.72
N ILE H 31 -15.69 5.93 -15.34
CA ILE H 31 -14.43 5.24 -15.06
C ILE H 31 -13.25 6.06 -15.56
N MET H 32 -13.39 6.72 -16.69
CA MET H 32 -12.30 7.58 -17.17
C MET H 32 -12.14 8.82 -16.32
N ASN H 33 -13.24 9.38 -15.84
CA ASN H 33 -13.15 10.52 -14.94
C ASN H 33 -12.42 10.14 -13.65
N SER H 34 -12.71 8.96 -13.11
CA SER H 34 -12.05 8.56 -11.88
C SER H 34 -10.59 8.21 -12.13
N PHE H 35 -10.27 7.67 -13.31
CA PHE H 35 -8.87 7.47 -13.68
C PHE H 35 -8.10 8.79 -13.74
N VAL H 36 -8.71 9.82 -14.29
CA VAL H 36 -8.01 11.10 -14.41
C VAL H 36 -7.79 11.73 -13.04
N ASN H 37 -8.85 11.76 -12.21
CA ASN H 37 -8.69 12.22 -10.83
C ASN H 37 -7.62 11.45 -10.06
N ASP H 38 -7.60 10.13 -10.21
CA ASP H 38 -6.63 9.31 -9.49
C ASP H 38 -5.20 9.63 -9.90
N VAL H 39 -4.92 9.60 -11.21
CA VAL H 39 -3.56 9.88 -11.66
C VAL H 39 -3.13 11.31 -11.32
N PHE H 40 -4.05 12.27 -11.45
CA PHE H 40 -3.79 13.62 -10.96
C PHE H 40 -3.35 13.66 -9.51
N GLU H 41 -4.14 13.07 -8.61
CA GLU H 41 -3.80 13.06 -7.20
C GLU H 41 -2.47 12.35 -6.93
N ARG H 42 -2.20 11.27 -7.65
CA ARG H 42 -0.94 10.55 -7.48
C ARG H 42 0.26 11.43 -7.84
N ILE H 43 0.19 12.10 -8.99
CA ILE H 43 1.33 12.88 -9.44
C ILE H 43 1.50 14.14 -8.60
N ALA H 44 0.41 14.83 -8.29
CA ALA H 44 0.52 16.02 -7.44
C ALA H 44 0.97 15.68 -6.03
N GLY H 45 0.60 14.51 -5.52
CA GLY H 45 1.11 14.04 -4.25
C GLY H 45 2.60 13.83 -4.25
N GLU H 46 3.08 13.01 -5.18
CA GLU H 46 4.52 12.78 -5.27
C GLU H 46 5.28 14.08 -5.49
N ALA H 47 4.73 15.01 -6.28
CA ALA H 47 5.42 16.28 -6.49
C ALA H 47 5.48 17.12 -5.23
N SER H 48 4.39 17.16 -4.46
CA SER H 48 4.42 17.86 -3.18
C SER H 48 5.44 17.24 -2.24
N ARG H 49 5.51 15.92 -2.18
CA ARG H 49 6.53 15.27 -1.36
C ARG H 49 7.94 15.63 -1.81
N LEU H 50 8.20 15.62 -3.11
CA LEU H 50 9.50 16.06 -3.62
C LEU H 50 9.83 17.48 -3.20
N ALA H 51 8.85 18.38 -3.28
CA ALA H 51 9.11 19.76 -2.88
C ALA H 51 9.39 19.87 -1.38
N HIS H 52 8.71 19.09 -0.55
CA HIS H 52 8.98 19.12 0.89
C HIS H 52 10.34 18.54 1.22
N TYR H 53 10.75 17.48 0.54
CA TYR H 53 12.07 16.90 0.76
C TYR H 53 13.19 17.90 0.51
N ASN H 54 13.11 18.64 -0.59
CA ASN H 54 14.17 19.54 -0.99
C ASN H 54 14.05 20.93 -0.39
N LYS H 55 13.26 21.09 0.66
CA LYS H 55 13.14 22.37 1.36
C LYS H 55 12.66 23.48 0.43
N ARG H 56 11.75 23.15 -0.48
CA ARG H 56 11.22 24.08 -1.47
C ARG H 56 9.74 24.28 -1.23
N SER H 57 9.21 25.40 -1.72
CA SER H 57 7.80 25.69 -1.59
C SER H 57 7.12 25.95 -2.93
N THR H 58 7.83 25.78 -4.04
CA THR H 58 7.31 26.01 -5.37
C THR H 58 7.31 24.71 -6.15
N ILE H 59 6.13 24.30 -6.61
CA ILE H 59 6.04 23.14 -7.49
C ILE H 59 6.21 23.67 -8.90
N THR H 60 7.31 23.31 -9.53
CA THR H 60 7.58 23.68 -10.91
C THR H 60 7.45 22.47 -11.82
N SER H 61 7.82 22.67 -13.09
CA SER H 61 7.76 21.57 -14.04
C SER H 61 8.75 20.48 -13.70
N ARG H 62 9.84 20.81 -12.99
CA ARG H 62 10.83 19.79 -12.67
C ARG H 62 10.27 18.80 -11.66
N GLU H 63 9.49 19.28 -10.69
CA GLU H 63 8.86 18.38 -9.73
C GLU H 63 7.85 17.47 -10.42
N ILE H 64 7.02 18.00 -11.31
CA ILE H 64 6.09 17.14 -12.02
C ILE H 64 6.82 16.16 -12.92
N GLN H 65 7.94 16.56 -13.49
CA GLN H 65 8.69 15.66 -14.35
C GLN H 65 9.26 14.50 -13.55
N THR H 66 9.84 14.78 -12.39
CA THR H 66 10.39 13.70 -11.57
C THR H 66 9.28 12.86 -10.94
N ALA H 67 8.12 13.45 -10.67
CA ALA H 67 7.00 12.65 -10.20
C ALA H 67 6.51 11.69 -11.26
N VAL H 68 6.48 12.13 -12.52
CA VAL H 68 6.10 11.24 -13.60
C VAL H 68 7.14 10.15 -13.80
N ARG H 69 8.43 10.50 -13.71
CA ARG H 69 9.45 9.47 -13.83
C ARG H 69 9.43 8.48 -12.69
N LEU H 70 8.95 8.87 -11.52
CA LEU H 70 8.78 7.91 -10.44
C LEU H 70 7.55 7.03 -10.63
N LEU H 71 6.41 7.64 -10.92
CA LEU H 71 5.14 6.92 -10.83
C LEU H 71 4.82 6.09 -12.07
N LEU H 72 5.13 6.57 -13.26
CA LEU H 72 4.77 5.79 -14.43
C LEU H 72 5.81 4.72 -14.75
N PRO H 73 5.38 3.49 -15.04
CA PRO H 73 6.33 2.38 -15.24
C PRO H 73 6.95 2.36 -16.62
N GLY H 74 8.22 2.75 -16.69
CA GLY H 74 9.02 2.52 -17.87
C GLY H 74 8.72 3.35 -19.10
N GLU H 75 8.13 2.70 -20.12
CA GLU H 75 7.91 3.37 -21.40
C GLU H 75 6.82 4.43 -21.34
N LEU H 76 5.84 4.27 -20.46
CA LEU H 76 4.87 5.33 -20.26
C LEU H 76 5.56 6.55 -19.71
N ALA H 77 6.55 6.35 -18.86
CA ALA H 77 7.28 7.51 -18.39
C ALA H 77 8.07 8.14 -19.52
N LYS H 78 8.73 7.33 -20.35
CA LYS H 78 9.52 7.93 -21.42
C LYS H 78 8.71 8.71 -22.41
N HIS H 79 7.57 8.19 -22.82
CA HIS H 79 6.78 8.98 -23.75
C HIS H 79 6.11 10.17 -23.10
N ALA H 80 5.70 10.05 -21.83
CA ALA H 80 5.01 11.19 -21.25
C ALA H 80 5.92 12.34 -20.91
N VAL H 81 7.16 12.05 -20.54
CA VAL H 81 8.07 13.14 -20.28
C VAL H 81 8.37 13.86 -21.58
N SER H 82 8.47 13.10 -22.67
CA SER H 82 8.68 13.75 -23.94
C SER H 82 7.49 14.63 -24.28
N GLU H 83 6.28 14.07 -24.17
CA GLU H 83 5.11 14.87 -24.50
C GLU H 83 5.00 16.07 -23.59
N GLY H 84 5.36 15.91 -22.32
CA GLY H 84 5.20 17.02 -21.43
C GLY H 84 6.21 18.11 -21.74
N THR H 85 7.45 17.72 -22.02
CA THR H 85 8.42 18.73 -22.35
C THR H 85 8.07 19.43 -23.65
N LYS H 86 7.49 18.69 -24.60
CA LYS H 86 7.02 19.34 -25.81
C LYS H 86 5.98 20.41 -25.51
N ALA H 87 5.03 20.11 -24.65
CA ALA H 87 4.00 21.09 -24.37
C ALA H 87 4.56 22.26 -23.58
N VAL H 88 5.62 22.07 -22.83
CA VAL H 88 6.11 23.26 -22.13
C VAL H 88 6.93 24.13 -23.07
N THR H 89 7.65 23.54 -24.02
CA THR H 89 8.31 24.35 -25.04
C THR H 89 7.32 25.15 -25.86
N LYS H 90 6.31 24.49 -26.42
CA LYS H 90 5.28 25.20 -27.16
C LYS H 90 4.61 26.26 -26.30
N TYR H 91 4.56 26.05 -24.98
CA TYR H 91 3.95 27.08 -24.15
C TYR H 91 4.89 28.26 -23.97
N THR H 92 6.16 27.99 -23.71
CA THR H 92 7.11 29.07 -23.39
C THR H 92 7.59 29.81 -24.63
N SER H 93 7.26 29.33 -25.82
CA SER H 93 7.66 29.95 -27.08
C SER H 93 6.45 30.15 -27.98
N ALA H 94 5.38 30.68 -27.43
CA ALA H 94 4.16 30.92 -28.18
C ALA H 94 3.89 32.42 -28.27
N LYS H 95 2.79 32.78 -28.91
CA LYS H 95 2.36 34.18 -28.99
C LYS H 95 0.99 34.34 -28.34
#